data_2FEI
#
_entry.id   2FEI
#
_entity_poly.entity_id   1
_entity_poly.type   'polypeptide(L)'
_entity_poly.pdbx_seq_one_letter_code
;MRQCKVLFEYIPQNEDELELKVGDIIDINEEVEEGWWSGTLNNKLGLFPSNFVKELELEHHHHHH
;
_entity_poly.pdbx_strand_id   A
#
# COMPACT_ATOMS: atom_id res chain seq x y z
N MET A 1 -6.96 5.74 9.12
CA MET A 1 -8.12 4.82 9.09
C MET A 1 -7.81 3.57 8.27
N ARG A 2 -8.19 2.41 8.79
CA ARG A 2 -7.95 1.15 8.10
C ARG A 2 -6.46 0.90 7.91
N GLN A 3 -6.07 -0.36 7.90
CA GLN A 3 -4.67 -0.74 7.73
C GLN A 3 -4.54 -2.04 6.95
N CYS A 4 -3.51 -2.13 6.11
CA CYS A 4 -3.28 -3.32 5.31
C CYS A 4 -1.79 -3.53 5.08
N LYS A 5 -1.36 -4.79 5.09
CA LYS A 5 0.05 -5.12 4.88
C LYS A 5 0.23 -6.01 3.65
N VAL A 6 1.09 -5.57 2.75
CA VAL A 6 1.38 -6.31 1.52
C VAL A 6 2.03 -7.66 1.84
N LEU A 7 1.69 -8.68 1.03
CA LEU A 7 2.23 -10.01 1.22
C LEU A 7 3.50 -10.23 0.40
N PHE A 8 3.62 -9.50 -0.70
CA PHE A 8 4.79 -9.61 -1.56
C PHE A 8 5.42 -8.24 -1.82
N GLU A 9 6.51 -8.23 -2.59
CA GLU A 9 7.21 -6.98 -2.90
C GLU A 9 6.73 -6.42 -4.22
N TYR A 10 6.85 -5.10 -4.38
CA TYR A 10 6.44 -4.43 -5.60
C TYR A 10 7.56 -3.58 -6.17
N ILE A 11 7.66 -3.53 -7.50
CA ILE A 11 8.69 -2.74 -8.17
C ILE A 11 8.07 -1.64 -9.04
N PRO A 12 8.16 -0.37 -8.60
CA PRO A 12 7.61 0.77 -9.33
C PRO A 12 8.49 1.17 -10.51
N GLN A 13 7.88 1.75 -11.53
CA GLN A 13 8.61 2.20 -12.72
C GLN A 13 8.60 3.72 -12.83
N ASN A 14 7.49 4.33 -12.40
CA ASN A 14 7.35 5.78 -12.45
C ASN A 14 7.52 6.39 -11.07
N GLU A 15 7.75 7.70 -11.02
CA GLU A 15 7.93 8.40 -9.75
C GLU A 15 6.62 8.41 -8.95
N ASP A 16 5.50 8.40 -9.66
CA ASP A 16 4.19 8.40 -9.01
C ASP A 16 3.91 7.06 -8.33
N GLU A 17 4.71 6.05 -8.64
CA GLU A 17 4.54 4.73 -8.06
C GLU A 17 5.51 4.51 -6.91
N LEU A 18 4.99 3.98 -5.80
CA LEU A 18 5.81 3.71 -4.63
C LEU A 18 6.24 2.25 -4.58
N GLU A 19 7.24 1.96 -3.75
CA GLU A 19 7.75 0.60 -3.62
C GLU A 19 7.16 -0.08 -2.38
N LEU A 20 6.25 -1.02 -2.61
CA LEU A 20 5.61 -1.74 -1.52
C LEU A 20 6.51 -2.88 -1.02
N LYS A 21 7.03 -2.74 0.19
CA LYS A 21 7.88 -3.76 0.77
C LYS A 21 7.07 -4.85 1.46
N VAL A 22 7.47 -6.09 1.27
CA VAL A 22 6.76 -7.22 1.86
C VAL A 22 6.89 -7.21 3.38
N GLY A 23 5.76 -7.31 4.07
CA GLY A 23 5.78 -7.31 5.52
C GLY A 23 5.69 -5.91 6.11
N ASP A 24 5.73 -4.89 5.25
CA ASP A 24 5.65 -3.51 5.71
C ASP A 24 4.20 -3.07 5.88
N ILE A 25 3.94 -2.31 6.94
CA ILE A 25 2.60 -1.83 7.21
C ILE A 25 2.40 -0.41 6.66
N ILE A 26 1.34 -0.24 5.87
CA ILE A 26 1.03 1.05 5.28
C ILE A 26 -0.38 1.50 5.64
N ASP A 27 -0.49 2.72 6.15
CA ASP A 27 -1.79 3.26 6.55
C ASP A 27 -2.48 3.91 5.34
N ILE A 28 -3.66 3.39 5.00
CA ILE A 28 -4.42 3.91 3.87
C ILE A 28 -5.31 5.08 4.30
N ASN A 29 -5.28 6.15 3.53
CA ASN A 29 -6.08 7.34 3.82
C ASN A 29 -7.29 7.42 2.91
N GLU A 30 -7.06 7.21 1.62
CA GLU A 30 -8.14 7.25 0.63
C GLU A 30 -7.72 6.57 -0.67
N GLU A 31 -8.66 5.88 -1.29
CA GLU A 31 -8.39 5.17 -2.54
C GLU A 31 -8.66 6.07 -3.74
N VAL A 32 -7.59 6.51 -4.40
CA VAL A 32 -7.70 7.38 -5.56
C VAL A 32 -8.49 6.70 -6.67
N GLU A 33 -8.25 5.41 -6.87
CA GLU A 33 -8.95 4.65 -7.90
C GLU A 33 -9.19 3.21 -7.45
N GLU A 34 -9.94 2.47 -8.24
CA GLU A 34 -10.26 1.08 -7.93
C GLU A 34 -9.01 0.20 -8.02
N GLY A 35 -8.09 0.58 -8.91
CA GLY A 35 -6.87 -0.17 -9.09
C GLY A 35 -5.68 0.47 -8.40
N TRP A 36 -5.64 1.80 -8.43
CA TRP A 36 -4.54 2.53 -7.80
C TRP A 36 -4.95 3.07 -6.44
N TRP A 37 -4.23 2.67 -5.40
CA TRP A 37 -4.52 3.13 -4.04
C TRP A 37 -3.36 3.95 -3.48
N SER A 38 -3.65 4.72 -2.43
CA SER A 38 -2.63 5.55 -1.80
C SER A 38 -2.30 5.04 -0.40
N GLY A 39 -1.11 5.39 0.09
CA GLY A 39 -0.70 4.96 1.41
C GLY A 39 0.50 5.72 1.92
N THR A 40 0.89 5.45 3.17
CA THR A 40 2.03 6.13 3.78
C THR A 40 2.82 5.16 4.66
N LEU A 41 4.06 4.90 4.28
CA LEU A 41 4.92 4.01 5.04
C LEU A 41 5.51 4.71 6.27
N ASN A 42 6.50 5.56 6.03
CA ASN A 42 7.14 6.31 7.11
C ASN A 42 6.91 7.80 6.96
N ASN A 43 7.60 8.39 5.98
CA ASN A 43 7.46 9.83 5.73
C ASN A 43 7.38 10.11 4.23
N LYS A 44 6.92 9.12 3.47
CA LYS A 44 6.80 9.27 2.02
C LYS A 44 5.40 8.90 1.56
N LEU A 45 4.93 9.57 0.51
CA LEU A 45 3.60 9.32 -0.04
C LEU A 45 3.67 8.91 -1.51
N GLY A 46 2.82 7.98 -1.90
CA GLY A 46 2.81 7.51 -3.27
C GLY A 46 1.60 6.65 -3.58
N LEU A 47 1.59 6.07 -4.78
CA LEU A 47 0.47 5.22 -5.20
C LEU A 47 0.99 3.89 -5.75
N PHE A 48 0.13 2.89 -5.76
CA PHE A 48 0.48 1.57 -6.26
C PHE A 48 -0.76 0.70 -6.46
N PRO A 49 -0.65 -0.36 -7.27
CA PRO A 49 -1.76 -1.27 -7.54
C PRO A 49 -2.33 -1.91 -6.27
N SER A 50 -3.64 -1.79 -6.10
CA SER A 50 -4.32 -2.34 -4.94
C SER A 50 -4.23 -3.87 -4.92
N ASN A 51 -3.96 -4.46 -6.07
CA ASN A 51 -3.87 -5.91 -6.18
C ASN A 51 -2.73 -6.47 -5.32
N PHE A 52 -1.74 -5.63 -5.02
CA PHE A 52 -0.62 -6.05 -4.20
C PHE A 52 -1.01 -6.09 -2.73
N VAL A 53 -0.82 -4.96 -2.02
CA VAL A 53 -1.17 -4.82 -0.60
C VAL A 53 -2.10 -5.91 -0.09
N LYS A 54 -1.93 -6.32 1.16
CA LYS A 54 -2.78 -7.35 1.75
C LYS A 54 -3.45 -6.85 3.03
N GLU A 55 -4.78 -6.78 3.00
CA GLU A 55 -5.55 -6.32 4.15
C GLU A 55 -5.38 -7.28 5.33
N LEU A 56 -5.20 -6.72 6.52
CA LEU A 56 -5.02 -7.52 7.73
C LEU A 56 -6.32 -7.58 8.53
N GLU A 57 -6.66 -6.46 9.16
CA GLU A 57 -7.88 -6.38 9.96
C GLU A 57 -7.86 -7.40 11.09
N LEU A 58 -7.73 -6.90 12.33
CA LEU A 58 -7.69 -7.76 13.50
C LEU A 58 -8.50 -7.16 14.64
N GLU A 59 -9.10 -8.03 15.46
CA GLU A 59 -9.91 -7.59 16.58
C GLU A 59 -9.02 -7.13 17.74
N HIS A 60 -8.13 -8.01 18.18
CA HIS A 60 -7.23 -7.71 19.28
C HIS A 60 -6.19 -6.67 18.86
N MET A 1 -6.91 6.34 9.60
CA MET A 1 -7.30 5.39 10.68
C MET A 1 -7.37 3.96 10.14
N ARG A 2 -6.55 3.66 9.14
CA ARG A 2 -6.53 2.33 8.54
C ARG A 2 -5.12 1.98 8.05
N GLN A 3 -4.79 0.70 8.09
CA GLN A 3 -3.48 0.23 7.65
C GLN A 3 -3.56 -1.20 7.13
N CYS A 4 -2.69 -1.51 6.17
CA CYS A 4 -2.65 -2.85 5.58
C CYS A 4 -1.23 -3.21 5.17
N LYS A 5 -0.91 -4.50 5.21
CA LYS A 5 0.42 -4.96 4.84
C LYS A 5 0.37 -5.88 3.62
N VAL A 6 1.16 -5.54 2.62
CA VAL A 6 1.23 -6.31 1.38
C VAL A 6 1.79 -7.70 1.61
N LEU A 7 1.27 -8.68 0.89
CA LEU A 7 1.73 -10.05 1.00
C LEU A 7 2.79 -10.37 -0.05
N PHE A 8 2.81 -9.58 -1.12
CA PHE A 8 3.78 -9.77 -2.20
C PHE A 8 4.73 -8.59 -2.28
N GLU A 9 5.68 -8.66 -3.22
CA GLU A 9 6.65 -7.59 -3.41
C GLU A 9 6.26 -6.71 -4.58
N TYR A 10 6.93 -5.56 -4.71
CA TYR A 10 6.66 -4.63 -5.79
C TYR A 10 7.87 -3.76 -6.08
N ILE A 11 8.07 -3.45 -7.36
CA ILE A 11 9.20 -2.62 -7.78
C ILE A 11 8.73 -1.32 -8.41
N PRO A 12 9.09 -0.17 -7.81
CA PRO A 12 8.69 1.15 -8.32
C PRO A 12 9.41 1.51 -9.62
N GLN A 13 8.62 1.87 -10.64
CA GLN A 13 9.18 2.24 -11.94
C GLN A 13 8.89 3.70 -12.25
N ASN A 14 7.70 4.15 -11.90
CA ASN A 14 7.30 5.54 -12.15
C ASN A 14 7.66 6.43 -10.98
N GLU A 15 7.59 7.74 -11.19
CA GLU A 15 7.92 8.71 -10.16
C GLU A 15 6.91 8.64 -9.01
N ASP A 16 5.64 8.43 -9.36
CA ASP A 16 4.57 8.34 -8.37
C ASP A 16 4.28 6.88 -8.01
N GLU A 17 5.35 6.14 -7.72
CA GLU A 17 5.20 4.73 -7.35
C GLU A 17 6.17 4.35 -6.23
N LEU A 18 5.64 3.79 -5.15
CA LEU A 18 6.45 3.39 -4.01
C LEU A 18 6.78 1.90 -4.08
N GLU A 19 7.77 1.48 -3.31
CA GLU A 19 8.19 0.09 -3.28
C GLU A 19 7.49 -0.67 -2.15
N LEU A 20 6.54 -1.52 -2.52
CA LEU A 20 5.79 -2.30 -1.53
C LEU A 20 6.51 -3.62 -1.24
N LYS A 21 7.36 -3.61 -0.22
CA LYS A 21 8.10 -4.80 0.17
C LYS A 21 7.23 -5.74 0.99
N VAL A 22 7.36 -7.04 0.74
CA VAL A 22 6.58 -8.04 1.45
C VAL A 22 6.84 -7.96 2.96
N GLY A 23 5.76 -7.89 3.73
CA GLY A 23 5.89 -7.80 5.18
C GLY A 23 5.84 -6.38 5.70
N ASP A 24 5.79 -5.41 4.79
CA ASP A 24 5.74 -4.01 5.18
C ASP A 24 4.30 -3.51 5.25
N ILE A 25 3.93 -2.93 6.39
CA ILE A 25 2.57 -2.42 6.57
C ILE A 25 2.52 -0.91 6.33
N ILE A 26 1.60 -0.50 5.46
CA ILE A 26 1.45 0.92 5.15
C ILE A 26 0.04 1.42 5.49
N ASP A 27 -0.04 2.61 6.05
CA ASP A 27 -1.32 3.20 6.43
C ASP A 27 -1.99 3.85 5.22
N ILE A 28 -3.17 3.37 4.88
CA ILE A 28 -3.92 3.91 3.75
C ILE A 28 -4.66 5.18 4.15
N ASN A 29 -4.58 6.20 3.30
CA ASN A 29 -5.23 7.47 3.57
C ASN A 29 -6.58 7.57 2.84
N GLU A 30 -6.59 7.19 1.56
CA GLU A 30 -7.80 7.24 0.76
C GLU A 30 -7.64 6.48 -0.55
N GLU A 31 -8.74 6.19 -1.21
CA GLU A 31 -8.72 5.47 -2.48
C GLU A 31 -8.83 6.44 -3.65
N VAL A 32 -8.19 6.08 -4.77
CA VAL A 32 -8.21 6.92 -5.95
C VAL A 32 -9.25 6.43 -6.96
N GLU A 33 -9.07 5.21 -7.45
CA GLU A 33 -9.99 4.62 -8.40
C GLU A 33 -10.11 3.11 -8.20
N GLU A 34 -10.83 2.45 -9.09
CA GLU A 34 -11.02 1.01 -9.00
C GLU A 34 -9.86 0.27 -9.67
N GLY A 35 -8.65 0.50 -9.15
CA GLY A 35 -7.48 -0.15 -9.70
C GLY A 35 -6.21 0.20 -8.95
N TRP A 36 -6.07 1.47 -8.58
CA TRP A 36 -4.90 1.93 -7.84
C TRP A 36 -5.30 2.65 -6.57
N TRP A 37 -4.65 2.30 -5.46
CA TRP A 37 -4.93 2.93 -4.17
C TRP A 37 -3.75 3.75 -3.69
N SER A 38 -4.00 4.65 -2.74
CA SER A 38 -2.96 5.51 -2.20
C SER A 38 -2.62 5.12 -0.76
N GLY A 39 -1.42 5.48 -0.33
CA GLY A 39 -1.01 5.17 1.03
C GLY A 39 0.01 6.16 1.56
N THR A 40 0.33 6.04 2.85
CA THR A 40 1.30 6.93 3.49
C THR A 40 2.15 6.18 4.49
N LEU A 41 3.42 6.56 4.59
CA LEU A 41 4.35 5.91 5.51
C LEU A 41 5.36 6.91 6.07
N ASN A 42 5.27 7.17 7.36
CA ASN A 42 6.18 8.12 8.02
C ASN A 42 6.01 9.52 7.45
N ASN A 43 6.68 9.78 6.33
CA ASN A 43 6.59 11.09 5.68
C ASN A 43 6.67 10.96 4.17
N LYS A 44 6.44 9.75 3.65
CA LYS A 44 6.48 9.51 2.22
C LYS A 44 5.21 8.81 1.75
N LEU A 45 4.57 9.36 0.72
CA LEU A 45 3.35 8.78 0.18
C LEU A 45 3.51 8.44 -1.29
N GLY A 46 3.00 7.28 -1.69
CA GLY A 46 3.10 6.86 -3.07
C GLY A 46 1.88 6.08 -3.53
N LEU A 47 1.74 5.91 -4.84
CA LEU A 47 0.61 5.17 -5.39
C LEU A 47 1.07 3.84 -5.99
N PHE A 48 0.19 2.85 -5.94
CA PHE A 48 0.50 1.53 -6.48
C PHE A 48 -0.77 0.68 -6.59
N PRO A 49 -0.69 -0.45 -7.30
CA PRO A 49 -1.84 -1.35 -7.50
C PRO A 49 -2.41 -1.84 -6.17
N SER A 50 -3.68 -1.56 -5.94
CA SER A 50 -4.35 -1.97 -4.71
C SER A 50 -4.46 -3.49 -4.63
N ASN A 51 -4.34 -4.16 -5.77
CA ASN A 51 -4.44 -5.61 -5.82
C ASN A 51 -3.33 -6.27 -5.00
N PHE A 52 -2.23 -5.54 -4.78
CA PHE A 52 -1.11 -6.06 -4.01
C PHE A 52 -1.42 -6.04 -2.52
N VAL A 53 -1.14 -4.90 -1.87
CA VAL A 53 -1.37 -4.70 -0.43
C VAL A 53 -2.33 -5.74 0.18
N LYS A 54 -2.07 -6.10 1.44
CA LYS A 54 -2.92 -7.07 2.12
C LYS A 54 -3.40 -6.53 3.46
N GLU A 55 -4.72 -6.54 3.65
CA GLU A 55 -5.32 -6.05 4.89
C GLU A 55 -5.19 -7.09 6.00
N LEU A 56 -4.83 -6.63 7.20
CA LEU A 56 -4.66 -7.52 8.34
C LEU A 56 -5.98 -7.70 9.09
N GLU A 57 -6.67 -8.81 8.79
CA GLU A 57 -7.95 -9.09 9.44
C GLU A 57 -7.76 -10.03 10.63
N LEU A 58 -8.80 -10.19 11.43
CA LEU A 58 -8.75 -11.06 12.59
C LEU A 58 -8.42 -12.50 12.20
N GLU A 59 -7.83 -13.24 13.13
CA GLU A 59 -7.45 -14.62 12.88
C GLU A 59 -7.26 -15.39 14.18
N HIS A 60 -6.56 -14.75 15.13
CA HIS A 60 -6.31 -15.38 16.43
C HIS A 60 -7.62 -15.72 17.13
N MET A 1 -6.75 4.61 11.30
CA MET A 1 -7.41 3.41 11.88
C MET A 1 -7.28 2.21 10.94
N ARG A 2 -7.55 2.45 9.65
CA ARG A 2 -7.48 1.39 8.65
C ARG A 2 -6.05 1.27 8.09
N GLN A 3 -5.41 0.14 8.35
CA GLN A 3 -4.06 -0.10 7.88
C GLN A 3 -3.96 -1.46 7.19
N CYS A 4 -3.03 -1.57 6.24
CA CYS A 4 -2.83 -2.81 5.50
C CYS A 4 -1.36 -2.98 5.12
N LYS A 5 -0.90 -4.22 5.05
CA LYS A 5 0.48 -4.50 4.70
C LYS A 5 0.56 -5.52 3.57
N VAL A 6 1.27 -5.18 2.51
CA VAL A 6 1.44 -6.05 1.35
C VAL A 6 2.14 -7.34 1.74
N LEU A 7 1.73 -8.44 1.10
CA LEU A 7 2.33 -9.74 1.38
C LEU A 7 3.43 -10.08 0.37
N PHE A 8 3.38 -9.42 -0.79
CA PHE A 8 4.38 -9.66 -1.83
C PHE A 8 5.23 -8.42 -2.07
N GLU A 9 6.19 -8.53 -2.99
CA GLU A 9 7.08 -7.41 -3.31
C GLU A 9 6.68 -6.78 -4.64
N TYR A 10 6.94 -5.48 -4.77
CA TYR A 10 6.61 -4.76 -6.00
C TYR A 10 7.72 -3.79 -6.37
N ILE A 11 8.10 -3.79 -7.65
CA ILE A 11 9.16 -2.91 -8.13
C ILE A 11 8.58 -1.73 -8.90
N PRO A 12 8.60 -0.52 -8.30
CA PRO A 12 8.06 0.69 -8.93
C PRO A 12 9.03 1.27 -9.96
N GLN A 13 8.52 1.52 -11.16
CA GLN A 13 9.33 2.08 -12.23
C GLN A 13 9.15 3.60 -12.30
N ASN A 14 7.98 4.08 -11.92
CA ASN A 14 7.69 5.50 -11.93
C ASN A 14 7.80 6.10 -10.54
N GLU A 15 8.08 7.40 -10.48
CA GLU A 15 8.22 8.09 -9.19
C GLU A 15 6.88 8.10 -8.44
N ASP A 16 5.79 8.18 -9.19
CA ASP A 16 4.46 8.20 -8.59
C ASP A 16 4.14 6.88 -7.89
N GLU A 17 4.90 5.84 -8.22
CA GLU A 17 4.70 4.53 -7.62
C GLU A 17 5.70 4.27 -6.50
N LEU A 18 5.23 3.63 -5.43
CA LEU A 18 6.08 3.33 -4.29
C LEU A 18 6.50 1.87 -4.28
N GLU A 19 7.60 1.57 -3.59
CA GLU A 19 8.10 0.20 -3.51
C GLU A 19 7.46 -0.55 -2.34
N LEU A 20 6.59 -1.51 -2.66
CA LEU A 20 5.93 -2.30 -1.63
C LEU A 20 6.72 -3.55 -1.30
N LYS A 21 7.30 -3.58 -0.11
CA LYS A 21 8.09 -4.73 0.34
C LYS A 21 7.28 -5.64 1.24
N VAL A 22 7.75 -6.86 1.42
CA VAL A 22 7.06 -7.83 2.27
C VAL A 22 7.10 -7.41 3.73
N GLY A 23 5.94 -7.39 4.37
CA GLY A 23 5.88 -7.01 5.77
C GLY A 23 5.66 -5.52 5.96
N ASP A 24 5.68 -4.76 4.87
CA ASP A 24 5.48 -3.31 4.93
C ASP A 24 4.00 -2.97 5.06
N ILE A 25 3.69 -2.08 6.01
CA ILE A 25 2.31 -1.67 6.23
C ILE A 25 2.12 -0.19 5.86
N ILE A 26 1.17 0.06 4.98
CA ILE A 26 0.88 1.43 4.54
C ILE A 26 -0.52 1.86 4.97
N ASP A 27 -0.59 3.00 5.66
CA ASP A 27 -1.88 3.51 6.14
C ASP A 27 -2.67 4.11 4.98
N ILE A 28 -3.85 3.55 4.74
CA ILE A 28 -4.71 4.03 3.65
C ILE A 28 -5.60 5.18 4.12
N ASN A 29 -5.70 6.21 3.29
CA ASN A 29 -6.51 7.37 3.62
C ASN A 29 -7.78 7.42 2.76
N GLU A 30 -7.62 7.19 1.46
CA GLU A 30 -8.76 7.19 0.55
C GLU A 30 -8.40 6.51 -0.77
N GLU A 31 -9.43 6.17 -1.56
CA GLU A 31 -9.23 5.51 -2.83
C GLU A 31 -9.19 6.52 -3.97
N VAL A 32 -8.48 6.18 -5.05
CA VAL A 32 -8.37 7.06 -6.20
C VAL A 32 -9.50 6.81 -7.19
N GLU A 33 -9.50 5.63 -7.81
CA GLU A 33 -10.53 5.27 -8.77
C GLU A 33 -10.98 3.83 -8.60
N GLU A 34 -10.13 2.89 -8.99
CA GLU A 34 -10.43 1.47 -8.87
C GLU A 34 -9.23 0.61 -9.24
N GLY A 35 -8.04 1.10 -8.91
CA GLY A 35 -6.82 0.36 -9.22
C GLY A 35 -5.65 0.80 -8.37
N TRP A 36 -5.41 2.11 -8.34
CA TRP A 36 -4.31 2.66 -7.57
C TRP A 36 -4.83 3.26 -6.26
N TRP A 37 -4.20 2.91 -5.15
CA TRP A 37 -4.60 3.42 -3.84
C TRP A 37 -3.54 4.35 -3.27
N SER A 38 -3.94 5.18 -2.32
CA SER A 38 -3.04 6.13 -1.68
C SER A 38 -2.76 5.73 -0.24
N GLY A 39 -1.50 5.79 0.16
CA GLY A 39 -1.13 5.43 1.51
C GLY A 39 0.04 6.24 2.04
N THR A 40 0.41 6.01 3.29
CA THR A 40 1.52 6.72 3.91
C THR A 40 2.46 5.76 4.63
N LEU A 41 3.75 5.85 4.31
CA LEU A 41 4.75 4.99 4.92
C LEU A 41 5.47 5.71 6.05
N ASN A 42 4.75 6.62 6.71
CA ASN A 42 5.32 7.37 7.82
C ASN A 42 6.56 8.15 7.39
N ASN A 43 6.68 8.39 6.08
CA ASN A 43 7.82 9.12 5.53
C ASN A 43 7.75 9.19 4.02
N LYS A 44 7.40 8.06 3.40
CA LYS A 44 7.29 7.99 1.95
C LYS A 44 5.83 8.11 1.50
N LEU A 45 5.62 8.75 0.35
CA LEU A 45 4.29 8.93 -0.18
C LEU A 45 4.22 8.48 -1.64
N GLY A 46 3.31 7.55 -1.92
CA GLY A 46 3.16 7.06 -3.28
C GLY A 46 1.96 6.14 -3.43
N LEU A 47 1.51 5.98 -4.67
CA LEU A 47 0.36 5.12 -4.95
C LEU A 47 0.79 3.84 -5.64
N PHE A 48 -0.08 2.83 -5.61
CA PHE A 48 0.23 1.55 -6.24
C PHE A 48 -1.04 0.69 -6.37
N PRO A 49 -0.96 -0.40 -7.14
CA PRO A 49 -2.09 -1.31 -7.36
C PRO A 49 -2.63 -1.88 -6.04
N SER A 50 -3.92 -1.69 -5.82
CA SER A 50 -4.57 -2.18 -4.60
C SER A 50 -4.57 -3.71 -4.56
N ASN A 51 -4.39 -4.33 -5.73
CA ASN A 51 -4.38 -5.79 -5.81
C ASN A 51 -3.23 -6.38 -4.99
N PHE A 52 -2.17 -5.60 -4.79
CA PHE A 52 -1.02 -6.05 -4.02
C PHE A 52 -1.33 -6.03 -2.52
N VAL A 53 -1.13 -4.86 -1.91
CA VAL A 53 -1.37 -4.65 -0.47
C VAL A 53 -2.24 -5.74 0.18
N LYS A 54 -1.94 -6.05 1.43
CA LYS A 54 -2.69 -7.06 2.16
C LYS A 54 -3.29 -6.50 3.44
N GLU A 55 -4.61 -6.54 3.54
CA GLU A 55 -5.31 -6.03 4.72
C GLU A 55 -4.94 -6.82 5.96
N LEU A 56 -4.69 -6.13 7.06
CA LEU A 56 -4.33 -6.77 8.32
C LEU A 56 -5.50 -7.58 8.88
N GLU A 57 -5.43 -8.90 8.74
CA GLU A 57 -6.47 -9.79 9.22
C GLU A 57 -5.93 -10.79 10.23
N LEU A 58 -6.04 -10.46 11.51
CA LEU A 58 -5.55 -11.34 12.57
C LEU A 58 -6.51 -11.35 13.75
N GLU A 59 -6.92 -12.55 14.17
CA GLU A 59 -7.84 -12.70 15.29
C GLU A 59 -7.07 -12.76 16.61
N HIS A 60 -7.32 -11.78 17.48
CA HIS A 60 -6.66 -11.72 18.77
C HIS A 60 -7.20 -12.81 19.70
N MET A 1 -6.07 0.98 13.02
CA MET A 1 -6.58 2.27 12.48
C MET A 1 -6.54 2.27 10.96
N ARG A 2 -7.21 1.28 10.36
CA ARG A 2 -7.26 1.16 8.90
C ARG A 2 -5.86 1.02 8.32
N GLN A 3 -5.31 -0.19 8.38
CA GLN A 3 -3.98 -0.45 7.86
C GLN A 3 -3.92 -1.82 7.19
N CYS A 4 -3.05 -1.96 6.21
CA CYS A 4 -2.90 -3.21 5.48
C CYS A 4 -1.44 -3.42 5.06
N LYS A 5 -0.97 -4.66 5.15
CA LYS A 5 0.41 -4.97 4.79
C LYS A 5 0.47 -5.94 3.61
N VAL A 6 1.19 -5.54 2.57
CA VAL A 6 1.37 -6.35 1.37
C VAL A 6 2.12 -7.65 1.68
N LEU A 7 1.73 -8.72 0.99
CA LEU A 7 2.37 -10.02 1.18
C LEU A 7 3.44 -10.27 0.11
N PHE A 8 3.33 -9.56 -1.01
CA PHE A 8 4.27 -9.70 -2.10
C PHE A 8 5.07 -8.42 -2.32
N GLU A 9 5.99 -8.45 -3.28
CA GLU A 9 6.81 -7.28 -3.59
C GLU A 9 6.40 -6.65 -4.91
N TYR A 10 6.80 -5.40 -5.11
CA TYR A 10 6.48 -4.67 -6.33
C TYR A 10 7.57 -3.65 -6.66
N ILE A 11 7.82 -3.48 -7.95
CA ILE A 11 8.85 -2.54 -8.40
C ILE A 11 8.22 -1.31 -9.05
N PRO A 12 8.24 -0.16 -8.36
CA PRO A 12 7.68 1.08 -8.89
C PRO A 12 8.60 1.78 -9.88
N GLN A 13 9.87 1.86 -9.53
CA GLN A 13 10.87 2.49 -10.38
C GLN A 13 10.46 3.92 -10.74
N ASN A 14 9.71 4.56 -9.84
CA ASN A 14 9.25 5.93 -10.07
C ASN A 14 8.83 6.58 -8.75
N GLU A 15 8.94 7.91 -8.71
CA GLU A 15 8.58 8.66 -7.52
C GLU A 15 7.07 8.58 -7.26
N ASP A 16 6.29 8.47 -8.32
CA ASP A 16 4.84 8.38 -8.21
C ASP A 16 4.42 7.04 -7.62
N GLU A 17 5.15 5.99 -7.97
CA GLU A 17 4.85 4.65 -7.47
C GLU A 17 5.77 4.29 -6.31
N LEU A 18 5.18 3.72 -5.26
CA LEU A 18 5.95 3.33 -4.08
C LEU A 18 6.27 1.84 -4.12
N GLU A 19 7.40 1.47 -3.53
CA GLU A 19 7.83 0.07 -3.50
C GLU A 19 7.14 -0.67 -2.36
N LEU A 20 6.19 -1.53 -2.71
CA LEU A 20 5.47 -2.32 -1.72
C LEU A 20 6.20 -3.62 -1.41
N LYS A 21 7.17 -3.54 -0.49
CA LYS A 21 7.95 -4.70 -0.11
C LYS A 21 7.18 -5.57 0.87
N VAL A 22 7.35 -6.89 0.76
CA VAL A 22 6.67 -7.84 1.63
C VAL A 22 7.02 -7.56 3.10
N GLY A 23 6.01 -7.58 3.95
CA GLY A 23 6.23 -7.33 5.37
C GLY A 23 6.06 -5.88 5.75
N ASP A 24 5.85 -5.02 4.76
CA ASP A 24 5.69 -3.59 5.01
C ASP A 24 4.20 -3.21 5.03
N ILE A 25 3.81 -2.48 6.07
CA ILE A 25 2.42 -2.05 6.21
C ILE A 25 2.28 -0.56 5.92
N ILE A 26 1.38 -0.23 4.99
CA ILE A 26 1.16 1.16 4.61
C ILE A 26 -0.28 1.58 4.90
N ASP A 27 -0.44 2.80 5.41
CA ASP A 27 -1.76 3.32 5.73
C ASP A 27 -2.32 4.13 4.55
N ILE A 28 -3.52 3.76 4.12
CA ILE A 28 -4.17 4.45 3.01
C ILE A 28 -4.58 5.87 3.39
N ASN A 29 -4.32 6.81 2.49
CA ASN A 29 -4.65 8.21 2.74
C ASN A 29 -5.87 8.62 1.92
N GLU A 30 -5.98 8.09 0.72
CA GLU A 30 -7.10 8.40 -0.16
C GLU A 30 -7.16 7.43 -1.34
N GLU A 31 -8.33 6.86 -1.58
CA GLU A 31 -8.51 5.91 -2.67
C GLU A 31 -8.63 6.64 -4.01
N VAL A 32 -7.75 6.31 -4.95
CA VAL A 32 -7.76 6.94 -6.26
C VAL A 32 -8.97 6.49 -7.08
N GLU A 33 -9.05 5.20 -7.37
CA GLU A 33 -10.15 4.65 -8.14
C GLU A 33 -10.64 3.34 -7.53
N GLU A 34 -11.32 2.53 -8.33
CA GLU A 34 -11.83 1.25 -7.85
C GLU A 34 -10.84 0.12 -8.13
N GLY A 35 -9.55 0.46 -8.12
CA GLY A 35 -8.52 -0.52 -8.37
C GLY A 35 -7.17 -0.11 -7.79
N TRP A 36 -6.83 1.17 -7.97
CA TRP A 36 -5.57 1.70 -7.46
C TRP A 36 -5.77 2.37 -6.12
N TRP A 37 -4.93 2.03 -5.15
CA TRP A 37 -5.02 2.60 -3.81
C TRP A 37 -3.79 3.45 -3.50
N SER A 38 -3.92 4.31 -2.49
CA SER A 38 -2.82 5.19 -2.09
C SER A 38 -2.27 4.76 -0.74
N GLY A 39 -1.02 5.16 -0.47
CA GLY A 39 -0.39 4.80 0.79
C GLY A 39 0.48 5.93 1.34
N THR A 40 0.61 5.98 2.65
CA THR A 40 1.41 7.01 3.30
C THR A 40 2.28 6.41 4.40
N LEU A 41 3.59 6.42 4.18
CA LEU A 41 4.54 5.88 5.16
C LEU A 41 5.38 6.99 5.77
N ASN A 42 4.87 7.59 6.84
CA ASN A 42 5.56 8.67 7.53
C ASN A 42 5.66 9.91 6.64
N ASN A 43 6.54 9.84 5.65
CA ASN A 43 6.75 10.95 4.72
C ASN A 43 7.03 10.45 3.31
N LYS A 44 6.46 9.30 2.97
CA LYS A 44 6.65 8.70 1.66
C LYS A 44 5.31 8.56 0.93
N LEU A 45 5.13 9.31 -0.14
CA LEU A 45 3.90 9.26 -0.92
C LEU A 45 4.11 8.46 -2.20
N GLY A 46 3.06 7.75 -2.62
CA GLY A 46 3.14 6.94 -3.83
C GLY A 46 1.87 6.20 -4.12
N LEU A 47 1.72 5.73 -5.36
CA LEU A 47 0.53 5.00 -5.76
C LEU A 47 0.89 3.63 -6.32
N PHE A 48 0.00 2.65 -6.12
CA PHE A 48 0.24 1.29 -6.61
C PHE A 48 -1.07 0.51 -6.66
N PRO A 49 -1.06 -0.64 -7.35
CA PRO A 49 -2.25 -1.49 -7.46
C PRO A 49 -2.78 -1.94 -6.10
N SER A 50 -4.06 -1.65 -5.85
CA SER A 50 -4.69 -2.03 -4.59
C SER A 50 -4.74 -3.54 -4.43
N ASN A 51 -4.63 -4.26 -5.54
CA ASN A 51 -4.67 -5.72 -5.52
C ASN A 51 -3.52 -6.29 -4.70
N PHE A 52 -2.40 -5.56 -4.66
CA PHE A 52 -1.23 -6.00 -3.91
C PHE A 52 -1.52 -6.02 -2.41
N VAL A 53 -1.29 -4.87 -1.75
CA VAL A 53 -1.52 -4.69 -0.30
C VAL A 53 -2.42 -5.78 0.29
N LYS A 54 -2.14 -6.17 1.54
CA LYS A 54 -2.95 -7.18 2.20
C LYS A 54 -3.28 -6.78 3.63
N GLU A 55 -4.58 -6.62 3.91
CA GLU A 55 -5.04 -6.25 5.24
C GLU A 55 -4.98 -7.45 6.19
N LEU A 56 -4.50 -7.20 7.40
CA LEU A 56 -4.40 -8.25 8.41
C LEU A 56 -5.70 -8.37 9.20
N GLU A 57 -6.54 -9.32 8.78
CA GLU A 57 -7.82 -9.54 9.45
C GLU A 57 -7.62 -9.90 10.92
N LEU A 58 -8.73 -10.12 11.62
CA LEU A 58 -8.68 -10.47 13.04
C LEU A 58 -8.88 -11.97 13.24
N GLU A 59 -8.87 -12.40 14.49
CA GLU A 59 -9.06 -13.81 14.81
C GLU A 59 -10.54 -14.14 15.00
N HIS A 60 -11.02 -15.15 14.28
CA HIS A 60 -12.41 -15.56 14.36
C HIS A 60 -12.61 -16.57 15.48
N MET A 1 -7.52 2.10 13.44
CA MET A 1 -7.12 2.70 12.15
C MET A 1 -7.16 1.66 11.02
N ARG A 2 -7.39 2.13 9.81
CA ARG A 2 -7.47 1.24 8.65
C ARG A 2 -6.10 1.12 7.96
N GLN A 3 -5.41 0.02 8.23
CA GLN A 3 -4.09 -0.21 7.65
C GLN A 3 -4.03 -1.58 6.97
N CYS A 4 -3.10 -1.74 6.03
CA CYS A 4 -2.95 -3.00 5.31
C CYS A 4 -1.49 -3.25 4.98
N LYS A 5 -1.06 -4.50 5.09
CA LYS A 5 0.32 -4.87 4.80
C LYS A 5 0.42 -5.83 3.62
N VAL A 6 1.22 -5.45 2.64
CA VAL A 6 1.43 -6.26 1.44
C VAL A 6 2.07 -7.61 1.77
N LEU A 7 1.67 -8.65 1.05
CA LEU A 7 2.20 -9.98 1.27
C LEU A 7 3.38 -10.27 0.32
N PHE A 8 3.32 -9.69 -0.87
CA PHE A 8 4.37 -9.89 -1.87
C PHE A 8 5.10 -8.58 -2.15
N GLU A 9 6.11 -8.64 -3.02
CA GLU A 9 6.88 -7.45 -3.37
C GLU A 9 6.41 -6.86 -4.70
N TYR A 10 6.83 -5.63 -4.98
CA TYR A 10 6.45 -4.96 -6.22
C TYR A 10 7.60 -4.10 -6.74
N ILE A 11 7.74 -4.06 -8.07
CA ILE A 11 8.81 -3.29 -8.70
C ILE A 11 8.23 -2.09 -9.44
N PRO A 12 8.41 -0.86 -8.90
CA PRO A 12 7.91 0.37 -9.52
C PRO A 12 8.79 0.83 -10.67
N GLN A 13 8.21 1.62 -11.57
CA GLN A 13 8.94 2.15 -12.72
C GLN A 13 8.71 3.65 -12.88
N ASN A 14 8.33 4.30 -11.78
CA ASN A 14 8.07 5.74 -11.81
C ASN A 14 8.12 6.32 -10.39
N GLU A 15 8.45 7.61 -10.31
CA GLU A 15 8.53 8.28 -9.01
C GLU A 15 7.18 8.27 -8.31
N ASP A 16 6.11 8.28 -9.10
CA ASP A 16 4.75 8.28 -8.55
C ASP A 16 4.40 6.90 -7.96
N GLU A 17 5.19 5.89 -8.29
CA GLU A 17 4.95 4.54 -7.79
C GLU A 17 5.84 4.23 -6.61
N LEU A 18 5.25 3.65 -5.56
CA LEU A 18 5.99 3.29 -4.36
C LEU A 18 6.39 1.82 -4.37
N GLU A 19 7.37 1.47 -3.56
CA GLU A 19 7.84 0.09 -3.49
C GLU A 19 7.21 -0.64 -2.31
N LEU A 20 6.28 -1.54 -2.61
CA LEU A 20 5.60 -2.31 -1.57
C LEU A 20 6.53 -3.36 -0.98
N LYS A 21 7.10 -3.05 0.18
CA LYS A 21 8.02 -3.97 0.86
C LYS A 21 7.24 -5.06 1.59
N VAL A 22 7.61 -6.31 1.33
CA VAL A 22 6.95 -7.45 1.97
C VAL A 22 7.07 -7.37 3.48
N GLY A 23 5.95 -7.49 4.18
CA GLY A 23 5.96 -7.43 5.63
C GLY A 23 5.79 -6.02 6.17
N ASP A 24 5.77 -5.04 5.28
CA ASP A 24 5.62 -3.64 5.67
C ASP A 24 4.17 -3.19 5.50
N ILE A 25 3.63 -2.52 6.53
CA ILE A 25 2.26 -2.03 6.49
C ILE A 25 2.23 -0.55 6.12
N ILE A 26 1.25 -0.18 5.31
CA ILE A 26 1.10 1.21 4.87
C ILE A 26 -0.28 1.75 5.23
N ASP A 27 -0.33 2.98 5.74
CA ASP A 27 -1.58 3.60 6.11
C ASP A 27 -2.30 4.17 4.90
N ILE A 28 -3.50 3.66 4.65
CA ILE A 28 -4.30 4.12 3.51
C ILE A 28 -5.13 5.34 3.89
N ASN A 29 -4.95 6.43 3.14
CA ASN A 29 -5.68 7.67 3.40
C ASN A 29 -6.98 7.72 2.61
N GLU A 30 -6.90 7.38 1.32
CA GLU A 30 -8.08 7.39 0.46
C GLU A 30 -7.80 6.68 -0.86
N GLU A 31 -8.86 6.34 -1.58
CA GLU A 31 -8.73 5.66 -2.87
C GLU A 31 -8.68 6.66 -4.02
N VAL A 32 -7.66 6.52 -4.87
CA VAL A 32 -7.49 7.41 -6.01
C VAL A 32 -8.50 7.09 -7.10
N GLU A 33 -8.68 5.80 -7.38
CA GLU A 33 -9.62 5.35 -8.41
C GLU A 33 -9.69 3.83 -8.46
N GLU A 34 -10.60 3.32 -9.28
CA GLU A 34 -10.78 1.88 -9.41
C GLU A 34 -9.54 1.23 -10.03
N GLY A 35 -8.87 0.38 -9.25
CA GLY A 35 -7.68 -0.28 -9.73
C GLY A 35 -6.42 0.19 -9.04
N TRP A 36 -6.45 1.41 -8.53
CA TRP A 36 -5.30 1.99 -7.83
C TRP A 36 -5.71 2.53 -6.47
N TRP A 37 -4.75 2.58 -5.55
CA TRP A 37 -4.99 3.09 -4.20
C TRP A 37 -3.81 3.91 -3.70
N SER A 38 -4.06 4.72 -2.68
CA SER A 38 -3.02 5.56 -2.11
C SER A 38 -2.63 5.07 -0.71
N GLY A 39 -1.38 5.30 -0.33
CA GLY A 39 -0.90 4.89 0.97
C GLY A 39 0.18 5.79 1.52
N THR A 40 0.49 5.63 2.80
CA THR A 40 1.52 6.44 3.45
C THR A 40 2.09 5.72 4.65
N LEU A 41 3.42 5.63 4.71
CA LEU A 41 4.10 4.96 5.81
C LEU A 41 4.28 5.91 6.99
N ASN A 42 4.80 7.10 6.71
CA ASN A 42 5.02 8.10 7.75
C ASN A 42 5.58 9.39 7.15
N ASN A 43 6.62 9.24 6.33
CA ASN A 43 7.25 10.40 5.70
C ASN A 43 7.17 10.30 4.18
N LYS A 44 7.18 9.06 3.66
CA LYS A 44 7.11 8.84 2.22
C LYS A 44 5.67 8.68 1.76
N LEU A 45 5.36 9.23 0.60
CA LEU A 45 4.01 9.14 0.05
C LEU A 45 4.05 8.73 -1.42
N GLY A 46 3.10 7.90 -1.84
CA GLY A 46 3.05 7.46 -3.21
C GLY A 46 1.81 6.65 -3.52
N LEU A 47 1.72 6.13 -4.74
CA LEU A 47 0.57 5.34 -5.15
C LEU A 47 1.01 4.02 -5.77
N PHE A 48 0.12 3.02 -5.74
CA PHE A 48 0.43 1.71 -6.28
C PHE A 48 -0.84 0.87 -6.42
N PRO A 49 -0.76 -0.26 -7.14
CA PRO A 49 -1.91 -1.15 -7.35
C PRO A 49 -2.51 -1.64 -6.04
N SER A 50 -3.78 -1.36 -5.82
CA SER A 50 -4.47 -1.78 -4.61
C SER A 50 -4.48 -3.30 -4.48
N ASN A 51 -4.29 -3.99 -5.60
CA ASN A 51 -4.27 -5.45 -5.61
C ASN A 51 -3.16 -6.00 -4.73
N PHE A 52 -2.09 -5.23 -4.57
CA PHE A 52 -0.96 -5.65 -3.76
C PHE A 52 -1.33 -5.67 -2.27
N VAL A 53 -1.12 -4.52 -1.59
CA VAL A 53 -1.43 -4.36 -0.16
C VAL A 53 -2.37 -5.44 0.37
N LYS A 54 -2.17 -5.85 1.62
CA LYS A 54 -3.02 -6.86 2.22
C LYS A 54 -3.33 -6.56 3.69
N GLU A 55 -4.61 -6.35 3.98
CA GLU A 55 -5.06 -6.06 5.33
C GLU A 55 -4.88 -7.28 6.24
N LEU A 56 -4.30 -7.05 7.41
CA LEU A 56 -4.07 -8.13 8.37
C LEU A 56 -5.39 -8.76 8.80
N GLU A 57 -5.31 -9.77 9.67
CA GLU A 57 -6.49 -10.46 10.16
C GLU A 57 -6.23 -11.07 11.54
N LEU A 58 -7.05 -10.70 12.51
CA LEU A 58 -6.92 -11.22 13.86
C LEU A 58 -7.86 -12.40 14.10
N GLU A 59 -7.93 -12.86 15.35
CA GLU A 59 -8.80 -13.97 15.70
C GLU A 59 -10.13 -13.47 16.23
N HIS A 60 -10.10 -12.31 16.88
CA HIS A 60 -11.31 -11.72 17.44
C HIS A 60 -11.94 -12.64 18.49
N MET A 1 -6.90 1.45 13.02
CA MET A 1 -5.68 1.24 12.17
C MET A 1 -5.91 1.77 10.76
N ARG A 2 -6.82 1.15 10.03
CA ARG A 2 -7.13 1.56 8.67
C ARG A 2 -5.88 1.47 7.78
N GLN A 3 -5.08 0.44 8.02
CA GLN A 3 -3.86 0.22 7.24
C GLN A 3 -3.78 -1.21 6.74
N CYS A 4 -2.89 -1.44 5.78
CA CYS A 4 -2.72 -2.78 5.21
C CYS A 4 -1.26 -2.99 4.80
N LYS A 5 -0.83 -4.25 4.80
CA LYS A 5 0.55 -4.58 4.42
C LYS A 5 0.58 -5.60 3.28
N VAL A 6 1.30 -5.26 2.23
CA VAL A 6 1.45 -6.13 1.06
C VAL A 6 2.11 -7.45 1.43
N LEU A 7 1.66 -8.52 0.77
CA LEU A 7 2.21 -9.86 1.02
C LEU A 7 3.35 -10.17 0.06
N PHE A 8 3.34 -9.51 -1.11
CA PHE A 8 4.38 -9.75 -2.11
C PHE A 8 5.22 -8.50 -2.33
N GLU A 9 6.21 -8.59 -3.21
CA GLU A 9 7.09 -7.47 -3.50
C GLU A 9 6.57 -6.67 -4.69
N TYR A 10 7.10 -5.46 -4.86
CA TYR A 10 6.69 -4.59 -5.96
C TYR A 10 7.81 -3.66 -6.37
N ILE A 11 7.95 -3.43 -7.68
CA ILE A 11 8.99 -2.56 -8.21
C ILE A 11 8.38 -1.34 -8.91
N PRO A 12 8.63 -0.13 -8.37
CA PRO A 12 8.11 1.10 -8.96
C PRO A 12 8.88 1.54 -10.20
N GLN A 13 8.18 2.19 -11.13
CA GLN A 13 8.81 2.64 -12.37
C GLN A 13 9.06 4.16 -12.32
N ASN A 14 8.15 4.88 -11.65
CA ASN A 14 8.27 6.32 -11.54
C ASN A 14 8.05 6.77 -10.09
N GLU A 15 8.25 8.06 -9.84
CA GLU A 15 8.06 8.61 -8.51
C GLU A 15 6.63 8.39 -8.01
N ASP A 16 5.69 8.39 -8.95
CA ASP A 16 4.28 8.17 -8.61
C ASP A 16 4.07 6.80 -7.99
N GLU A 17 4.90 5.84 -8.39
CA GLU A 17 4.80 4.48 -7.87
C GLU A 17 5.83 4.25 -6.77
N LEU A 18 5.41 3.57 -5.71
CA LEU A 18 6.28 3.28 -4.58
C LEU A 18 6.65 1.80 -4.54
N GLU A 19 7.77 1.49 -3.90
CA GLU A 19 8.23 0.11 -3.79
C GLU A 19 7.68 -0.55 -2.53
N LEU A 20 6.72 -1.45 -2.72
CA LEU A 20 6.11 -2.15 -1.60
C LEU A 20 6.87 -3.42 -1.24
N LYS A 21 7.32 -3.51 0.00
CA LYS A 21 8.07 -4.67 0.46
C LYS A 21 7.16 -5.65 1.18
N VAL A 22 7.52 -6.93 1.15
CA VAL A 22 6.73 -7.96 1.80
C VAL A 22 6.73 -7.77 3.31
N GLY A 23 5.54 -7.76 3.90
CA GLY A 23 5.42 -7.61 5.34
C GLY A 23 5.33 -6.15 5.76
N ASP A 24 5.48 -5.24 4.81
CA ASP A 24 5.43 -3.80 5.11
C ASP A 24 3.99 -3.30 5.08
N ILE A 25 3.62 -2.54 6.11
CA ILE A 25 2.27 -1.99 6.20
C ILE A 25 2.26 -0.51 5.81
N ILE A 26 1.23 -0.10 5.10
CA ILE A 26 1.10 1.29 4.66
C ILE A 26 -0.30 1.83 4.96
N ASP A 27 -0.35 2.97 5.63
CA ASP A 27 -1.63 3.60 5.98
C ASP A 27 -2.21 4.36 4.78
N ILE A 28 -3.39 3.95 4.35
CA ILE A 28 -4.04 4.58 3.21
C ILE A 28 -4.50 6.00 3.56
N ASN A 29 -4.27 6.93 2.64
CA ASN A 29 -4.65 8.33 2.85
C ASN A 29 -5.94 8.64 2.11
N GLU A 30 -6.09 8.09 0.92
CA GLU A 30 -7.27 8.32 0.10
C GLU A 30 -7.32 7.35 -1.07
N GLU A 31 -8.49 6.74 -1.28
CA GLU A 31 -8.68 5.78 -2.37
C GLU A 31 -8.81 6.51 -3.71
N VAL A 32 -8.24 5.93 -4.75
CA VAL A 32 -8.30 6.51 -6.09
C VAL A 32 -9.40 5.86 -6.92
N GLU A 33 -9.40 4.53 -6.97
CA GLU A 33 -10.39 3.79 -7.72
C GLU A 33 -10.21 2.29 -7.55
N GLU A 34 -11.11 1.51 -8.14
CA GLU A 34 -11.05 0.05 -8.05
C GLU A 34 -9.87 -0.49 -8.85
N GLY A 35 -8.66 -0.17 -8.40
CA GLY A 35 -7.47 -0.64 -9.08
C GLY A 35 -6.20 -0.08 -8.48
N TRP A 36 -6.23 1.21 -8.13
CA TRP A 36 -5.07 1.87 -7.54
C TRP A 36 -5.41 2.42 -6.16
N TRP A 37 -4.51 2.19 -5.20
CA TRP A 37 -4.72 2.68 -3.83
C TRP A 37 -3.54 3.53 -3.37
N SER A 38 -3.77 4.36 -2.36
CA SER A 38 -2.73 5.23 -1.82
C SER A 38 -2.30 4.76 -0.43
N GLY A 39 -1.10 5.15 -0.04
CA GLY A 39 -0.59 4.76 1.27
C GLY A 39 0.54 5.64 1.75
N THR A 40 0.67 5.77 3.06
CA THR A 40 1.72 6.60 3.66
C THR A 40 2.57 5.77 4.62
N LEU A 41 3.89 5.88 4.47
CA LEU A 41 4.82 5.14 5.31
C LEU A 41 5.78 6.09 6.03
N ASN A 42 5.32 6.67 7.14
CA ASN A 42 6.14 7.58 7.91
C ASN A 42 6.64 8.75 7.06
N ASN A 43 5.82 9.78 6.94
CA ASN A 43 6.17 10.96 6.15
C ASN A 43 6.59 10.57 4.74
N LYS A 44 6.08 9.45 4.26
CA LYS A 44 6.41 8.97 2.92
C LYS A 44 5.15 8.75 2.10
N LEU A 45 5.09 9.39 0.93
CA LEU A 45 3.94 9.26 0.05
C LEU A 45 4.24 8.30 -1.10
N GLY A 46 3.23 7.56 -1.53
CA GLY A 46 3.41 6.62 -2.62
C GLY A 46 2.09 6.06 -3.12
N LEU A 47 2.11 5.50 -4.32
CA LEU A 47 0.90 4.93 -4.91
C LEU A 47 1.20 3.57 -5.54
N PHE A 48 0.22 2.68 -5.52
CA PHE A 48 0.38 1.34 -6.08
C PHE A 48 -0.98 0.65 -6.24
N PRO A 49 -1.03 -0.44 -7.02
CA PRO A 49 -2.26 -1.19 -7.25
C PRO A 49 -2.80 -1.83 -5.97
N SER A 50 -4.09 -1.61 -5.72
CA SER A 50 -4.73 -2.16 -4.53
C SER A 50 -4.77 -3.69 -4.58
N ASN A 51 -4.61 -4.25 -5.77
CA ASN A 51 -4.63 -5.70 -5.94
C ASN A 51 -3.49 -6.36 -5.18
N PHE A 52 -2.40 -5.62 -5.00
CA PHE A 52 -1.24 -6.15 -4.30
C PHE A 52 -1.47 -6.12 -2.79
N VAL A 53 -1.24 -4.96 -2.16
CA VAL A 53 -1.41 -4.76 -0.72
C VAL A 53 -2.25 -5.84 -0.05
N LYS A 54 -1.90 -6.17 1.19
CA LYS A 54 -2.63 -7.17 1.95
C LYS A 54 -3.15 -6.61 3.27
N GLU A 55 -4.46 -6.61 3.43
CA GLU A 55 -5.09 -6.11 4.65
C GLU A 55 -5.20 -7.20 5.71
N LEU A 56 -4.88 -6.86 6.95
CA LEU A 56 -4.94 -7.82 8.04
C LEU A 56 -5.88 -7.32 9.14
N GLU A 57 -7.15 -7.72 9.04
CA GLU A 57 -8.15 -7.31 10.02
C GLU A 57 -9.21 -8.41 10.20
N LEU A 58 -8.77 -9.65 10.13
CA LEU A 58 -9.68 -10.79 10.28
C LEU A 58 -8.94 -12.01 10.83
N GLU A 59 -9.59 -12.74 11.73
CA GLU A 59 -8.99 -13.93 12.33
C GLU A 59 -9.86 -15.15 12.08
N HIS A 60 -9.29 -16.34 12.28
CA HIS A 60 -10.02 -17.59 12.09
C HIS A 60 -10.51 -17.71 10.64
N MET A 1 -9.18 4.98 11.60
CA MET A 1 -7.91 4.24 11.34
C MET A 1 -8.13 3.11 10.34
N ARG A 2 -7.08 2.80 9.59
CA ARG A 2 -7.16 1.74 8.59
C ARG A 2 -5.80 1.53 7.91
N GLN A 3 -5.25 0.33 8.06
CA GLN A 3 -3.95 0.01 7.47
C GLN A 3 -3.87 -1.46 7.10
N CYS A 4 -3.04 -1.78 6.11
CA CYS A 4 -2.87 -3.16 5.67
C CYS A 4 -1.41 -3.44 5.33
N LYS A 5 -1.05 -4.71 5.28
CA LYS A 5 0.32 -5.10 4.95
C LYS A 5 0.36 -6.04 3.75
N VAL A 6 1.16 -5.66 2.76
CA VAL A 6 1.32 -6.45 1.53
C VAL A 6 1.92 -7.82 1.83
N LEU A 7 1.47 -8.83 1.10
CA LEU A 7 1.96 -10.19 1.27
C LEU A 7 3.14 -10.48 0.35
N PHE A 8 3.24 -9.72 -0.74
CA PHE A 8 4.32 -9.91 -1.70
C PHE A 8 5.18 -8.64 -1.83
N GLU A 9 6.21 -8.71 -2.66
CA GLU A 9 7.09 -7.56 -2.87
C GLU A 9 6.65 -6.76 -4.09
N TYR A 10 6.77 -5.43 -3.99
CA TYR A 10 6.39 -4.56 -5.08
C TYR A 10 7.55 -3.65 -5.49
N ILE A 11 7.65 -3.37 -6.78
CA ILE A 11 8.71 -2.52 -7.32
C ILE A 11 8.13 -1.36 -8.11
N PRO A 12 8.47 -0.11 -7.73
CA PRO A 12 7.96 1.08 -8.42
C PRO A 12 8.73 1.37 -9.71
N GLN A 13 8.09 2.10 -10.62
CA GLN A 13 8.71 2.46 -11.89
C GLN A 13 8.45 3.91 -12.24
N ASN A 14 7.19 4.33 -12.10
CA ASN A 14 6.80 5.70 -12.40
C ASN A 14 7.06 6.62 -11.21
N GLU A 15 6.91 7.91 -11.43
CA GLU A 15 7.13 8.89 -10.37
C GLU A 15 6.09 8.75 -9.27
N ASP A 16 4.89 8.33 -9.64
CA ASP A 16 3.79 8.15 -8.69
C ASP A 16 3.69 6.70 -8.25
N GLU A 17 4.85 6.08 -8.00
CA GLU A 17 4.89 4.69 -7.57
C GLU A 17 5.77 4.53 -6.34
N LEU A 18 5.21 3.97 -5.27
CA LEU A 18 5.94 3.76 -4.04
C LEU A 18 6.44 2.32 -3.95
N GLU A 19 7.55 2.12 -3.24
CA GLU A 19 8.12 0.79 -3.07
C GLU A 19 7.47 0.06 -1.90
N LEU A 20 6.64 -0.93 -2.21
CA LEU A 20 5.96 -1.71 -1.18
C LEU A 20 6.64 -3.07 -0.98
N LYS A 21 7.55 -3.12 -0.02
CA LYS A 21 8.28 -4.35 0.27
C LYS A 21 7.42 -5.29 1.11
N VAL A 22 7.69 -6.59 0.99
CA VAL A 22 6.94 -7.60 1.74
C VAL A 22 7.14 -7.42 3.24
N GLY A 23 6.03 -7.37 3.98
CA GLY A 23 6.11 -7.20 5.41
C GLY A 23 5.92 -5.76 5.85
N ASP A 24 5.84 -4.85 4.89
CA ASP A 24 5.67 -3.44 5.20
C ASP A 24 4.19 -3.07 5.25
N ILE A 25 3.80 -2.32 6.28
CA ILE A 25 2.42 -1.91 6.46
C ILE A 25 2.20 -0.48 5.98
N ILE A 26 1.08 -0.23 5.32
CA ILE A 26 0.77 1.09 4.80
C ILE A 26 -0.67 1.48 5.15
N ASP A 27 -0.83 2.65 5.77
CA ASP A 27 -2.15 3.13 6.15
C ASP A 27 -2.82 3.84 4.98
N ILE A 28 -4.01 3.35 4.59
CA ILE A 28 -4.76 3.94 3.50
C ILE A 28 -5.63 5.08 3.99
N ASN A 29 -5.65 6.18 3.23
CA ASN A 29 -6.44 7.34 3.59
C ASN A 29 -7.70 7.43 2.71
N GLU A 30 -7.52 7.25 1.41
CA GLU A 30 -8.62 7.32 0.47
C GLU A 30 -8.21 6.78 -0.89
N GLU A 31 -9.21 6.49 -1.73
CA GLU A 31 -8.95 5.96 -3.06
C GLU A 31 -8.58 7.09 -4.02
N VAL A 32 -7.80 6.75 -5.05
CA VAL A 32 -7.36 7.74 -6.03
C VAL A 32 -7.86 7.37 -7.44
N GLU A 33 -7.36 6.26 -7.96
CA GLU A 33 -7.75 5.80 -9.29
C GLU A 33 -8.38 4.42 -9.24
N GLU A 34 -9.10 4.06 -10.29
CA GLU A 34 -9.75 2.75 -10.36
C GLU A 34 -8.72 1.64 -10.32
N GLY A 35 -8.73 0.86 -9.25
CA GLY A 35 -7.78 -0.22 -9.10
C GLY A 35 -6.44 0.23 -8.56
N TRP A 36 -6.44 1.40 -7.92
CA TRP A 36 -5.21 1.95 -7.34
C TRP A 36 -5.52 2.74 -6.08
N TRP A 37 -4.92 2.33 -4.98
CA TRP A 37 -5.14 3.00 -3.69
C TRP A 37 -3.87 3.71 -3.23
N SER A 38 -4.03 4.66 -2.31
CA SER A 38 -2.90 5.42 -1.79
C SER A 38 -2.64 5.04 -0.32
N GLY A 39 -1.41 5.27 0.13
CA GLY A 39 -1.06 4.96 1.49
C GLY A 39 0.17 5.72 1.97
N THR A 40 0.47 5.60 3.26
CA THR A 40 1.62 6.28 3.84
C THR A 40 2.40 5.34 4.75
N LEU A 41 3.70 5.63 4.91
CA LEU A 41 4.56 4.81 5.76
C LEU A 41 5.24 5.65 6.83
N ASN A 42 6.23 6.43 6.42
CA ASN A 42 6.96 7.29 7.34
C ASN A 42 7.28 8.63 6.69
N ASN A 43 8.01 8.59 5.58
CA ASN A 43 8.38 9.80 4.86
C ASN A 43 8.29 9.60 3.35
N LYS A 44 7.53 8.59 2.94
CA LYS A 44 7.35 8.29 1.52
C LYS A 44 5.86 8.20 1.17
N LEU A 45 5.48 8.85 0.07
CA LEU A 45 4.09 8.84 -0.37
C LEU A 45 4.00 8.54 -1.87
N GLY A 46 3.05 7.69 -2.24
CA GLY A 46 2.87 7.34 -3.63
C GLY A 46 1.67 6.44 -3.86
N LEU A 47 1.40 6.12 -5.12
CA LEU A 47 0.27 5.26 -5.47
C LEU A 47 0.75 3.92 -6.02
N PHE A 48 -0.02 2.87 -5.78
CA PHE A 48 0.31 1.53 -6.25
C PHE A 48 -0.93 0.66 -6.38
N PRO A 49 -0.83 -0.46 -7.09
CA PRO A 49 -1.95 -1.38 -7.29
C PRO A 49 -2.49 -1.93 -5.97
N SER A 50 -3.78 -1.68 -5.72
CA SER A 50 -4.42 -2.13 -4.49
C SER A 50 -4.47 -3.67 -4.43
N ASN A 51 -4.33 -4.31 -5.59
CA ASN A 51 -4.37 -5.76 -5.67
C ASN A 51 -3.24 -6.39 -4.86
N PHE A 52 -2.14 -5.64 -4.70
CA PHE A 52 -0.99 -6.13 -3.95
C PHE A 52 -1.31 -6.19 -2.45
N VAL A 53 -1.09 -5.06 -1.76
CA VAL A 53 -1.34 -4.92 -0.31
C VAL A 53 -2.24 -6.02 0.25
N LYS A 54 -1.97 -6.42 1.49
CA LYS A 54 -2.78 -7.45 2.14
C LYS A 54 -3.36 -6.95 3.45
N GLU A 55 -4.68 -7.07 3.60
CA GLU A 55 -5.36 -6.64 4.81
C GLU A 55 -5.04 -7.55 5.98
N LEU A 56 -4.78 -6.95 7.15
CA LEU A 56 -4.45 -7.71 8.34
C LEU A 56 -5.56 -8.70 8.69
N GLU A 57 -5.42 -9.36 9.83
CA GLU A 57 -6.41 -10.32 10.28
C GLU A 57 -7.65 -9.64 10.82
N LEU A 58 -7.45 -8.50 11.49
CA LEU A 58 -8.55 -7.74 12.06
C LEU A 58 -9.36 -8.59 13.03
N GLU A 59 -10.40 -7.99 13.60
CA GLU A 59 -11.26 -8.70 14.56
C GLU A 59 -12.72 -8.34 14.33
N HIS A 60 -13.60 -9.31 14.60
CA HIS A 60 -15.04 -9.09 14.43
C HIS A 60 -15.70 -8.72 15.75
N MET A 1 -7.12 3.71 11.99
CA MET A 1 -8.49 3.36 11.51
C MET A 1 -8.43 2.26 10.46
N ARG A 2 -7.62 2.47 9.43
CA ARG A 2 -7.48 1.50 8.35
C ARG A 2 -6.01 1.26 8.03
N GLN A 3 -5.61 -0.01 8.00
CA GLN A 3 -4.23 -0.37 7.71
C GLN A 3 -4.16 -1.72 7.01
N CYS A 4 -3.21 -1.85 6.09
CA CYS A 4 -3.04 -3.10 5.34
C CYS A 4 -1.58 -3.31 4.99
N LYS A 5 -1.14 -4.57 5.03
CA LYS A 5 0.25 -4.90 4.72
C LYS A 5 0.34 -5.87 3.55
N VAL A 6 1.12 -5.51 2.55
CA VAL A 6 1.32 -6.32 1.35
C VAL A 6 2.01 -7.64 1.70
N LEU A 7 1.62 -8.71 1.01
CA LEU A 7 2.21 -10.02 1.25
C LEU A 7 3.34 -10.30 0.25
N PHE A 8 3.33 -9.61 -0.88
CA PHE A 8 4.36 -9.78 -1.90
C PHE A 8 5.16 -8.49 -2.09
N GLU A 9 6.14 -8.54 -2.98
CA GLU A 9 6.98 -7.37 -3.26
C GLU A 9 6.64 -6.78 -4.63
N TYR A 10 6.91 -5.49 -4.78
CA TYR A 10 6.63 -4.80 -6.04
C TYR A 10 7.77 -3.86 -6.41
N ILE A 11 8.05 -3.76 -7.71
CA ILE A 11 9.12 -2.90 -8.19
C ILE A 11 8.58 -1.77 -9.07
N PRO A 12 8.56 -0.52 -8.56
CA PRO A 12 8.06 0.63 -9.31
C PRO A 12 9.08 1.15 -10.32
N GLN A 13 8.82 2.34 -10.86
CA GLN A 13 9.72 2.94 -11.83
C GLN A 13 9.54 4.45 -11.90
N ASN A 14 8.29 4.90 -11.86
CA ASN A 14 7.99 6.33 -11.91
C ASN A 14 7.83 6.91 -10.51
N GLU A 15 7.83 8.24 -10.42
CA GLU A 15 7.69 8.92 -9.15
C GLU A 15 6.31 8.66 -8.53
N ASP A 16 5.37 8.24 -9.36
CA ASP A 16 4.01 7.96 -8.90
C ASP A 16 3.83 6.48 -8.58
N GLU A 17 4.92 5.83 -8.18
CA GLU A 17 4.88 4.41 -7.85
C GLU A 17 5.82 4.11 -6.68
N LEU A 18 5.26 3.57 -5.61
CA LEU A 18 6.03 3.23 -4.42
C LEU A 18 6.41 1.75 -4.42
N GLU A 19 7.54 1.44 -3.79
CA GLU A 19 8.00 0.06 -3.72
C GLU A 19 7.39 -0.67 -2.53
N LEU A 20 6.45 -1.58 -2.81
CA LEU A 20 5.80 -2.34 -1.77
C LEU A 20 6.66 -3.50 -1.29
N LYS A 21 7.17 -3.40 -0.08
CA LYS A 21 8.02 -4.44 0.49
C LYS A 21 7.19 -5.48 1.24
N VAL A 22 7.59 -6.73 1.14
CA VAL A 22 6.88 -7.81 1.82
C VAL A 22 6.96 -7.65 3.33
N GLY A 23 5.80 -7.71 3.99
CA GLY A 23 5.77 -7.56 5.43
C GLY A 23 5.61 -6.12 5.88
N ASP A 24 5.65 -5.19 4.92
CA ASP A 24 5.53 -3.77 5.23
C ASP A 24 4.07 -3.34 5.21
N ILE A 25 3.63 -2.69 6.28
CA ILE A 25 2.24 -2.21 6.38
C ILE A 25 2.15 -0.74 6.00
N ILE A 26 1.29 -0.45 5.03
CA ILE A 26 1.10 0.92 4.57
C ILE A 26 -0.28 1.45 4.97
N ASP A 27 -0.30 2.55 5.70
CA ASP A 27 -1.56 3.16 6.14
C ASP A 27 -2.27 3.85 4.98
N ILE A 28 -3.47 3.39 4.68
CA ILE A 28 -4.25 3.96 3.59
C ILE A 28 -5.07 5.16 4.07
N ASN A 29 -4.85 6.31 3.44
CA ASN A 29 -5.57 7.52 3.81
C ASN A 29 -6.81 7.71 2.94
N GLU A 30 -6.66 7.50 1.64
CA GLU A 30 -7.77 7.64 0.70
C GLU A 30 -7.51 6.86 -0.57
N GLU A 31 -8.58 6.62 -1.35
CA GLU A 31 -8.47 5.88 -2.59
C GLU A 31 -8.23 6.82 -3.77
N VAL A 32 -7.18 6.56 -4.53
CA VAL A 32 -6.85 7.38 -5.69
C VAL A 32 -7.82 7.14 -6.83
N GLU A 33 -8.22 5.88 -7.00
CA GLU A 33 -9.15 5.51 -8.06
C GLU A 33 -9.50 4.03 -8.00
N GLU A 34 -10.32 3.57 -8.92
CA GLU A 34 -10.72 2.16 -8.98
C GLU A 34 -9.59 1.29 -9.49
N GLY A 35 -8.91 0.60 -8.58
CA GLY A 35 -7.82 -0.26 -8.97
C GLY A 35 -6.55 0.03 -8.18
N TRP A 36 -6.12 1.28 -8.20
CA TRP A 36 -4.91 1.68 -7.48
C TRP A 36 -5.27 2.34 -6.15
N TRP A 37 -4.50 2.02 -5.12
CA TRP A 37 -4.74 2.57 -3.79
C TRP A 37 -3.55 3.41 -3.32
N SER A 38 -3.78 4.26 -2.33
CA SER A 38 -2.73 5.11 -1.79
C SER A 38 -2.47 4.79 -0.32
N GLY A 39 -1.27 5.11 0.15
CA GLY A 39 -0.92 4.85 1.54
C GLY A 39 0.21 5.72 2.02
N THR A 40 0.52 5.63 3.32
CA THR A 40 1.60 6.41 3.90
C THR A 40 2.45 5.56 4.84
N LEU A 41 3.61 6.09 5.23
CA LEU A 41 4.51 5.38 6.12
C LEU A 41 5.28 6.35 7.01
N ASN A 42 5.94 7.32 6.38
CA ASN A 42 6.72 8.30 7.11
C ASN A 42 7.09 9.48 6.20
N ASN A 43 6.16 10.42 6.05
CA ASN A 43 6.38 11.59 5.21
C ASN A 43 6.64 11.18 3.76
N LYS A 44 6.21 9.98 3.40
CA LYS A 44 6.41 9.47 2.04
C LYS A 44 5.08 9.00 1.45
N LEU A 45 4.67 9.64 0.36
CA LEU A 45 3.42 9.28 -0.31
C LEU A 45 3.69 8.59 -1.64
N GLY A 46 2.83 7.65 -1.99
CA GLY A 46 2.99 6.92 -3.25
C GLY A 46 1.75 6.14 -3.63
N LEU A 47 1.72 5.63 -4.86
CA LEU A 47 0.59 4.87 -5.34
C LEU A 47 1.04 3.52 -5.90
N PHE A 48 0.14 2.54 -5.86
CA PHE A 48 0.45 1.20 -6.36
C PHE A 48 -0.83 0.38 -6.52
N PRO A 49 -0.76 -0.74 -7.26
CA PRO A 49 -1.92 -1.62 -7.48
C PRO A 49 -2.51 -2.14 -6.18
N SER A 50 -3.79 -1.88 -5.97
CA SER A 50 -4.48 -2.31 -4.76
C SER A 50 -4.54 -3.83 -4.69
N ASN A 51 -4.38 -4.49 -5.83
CA ASN A 51 -4.43 -5.95 -5.89
C ASN A 51 -3.30 -6.56 -5.07
N PHE A 52 -2.20 -5.82 -4.91
CA PHE A 52 -1.07 -6.29 -4.13
C PHE A 52 -1.38 -6.28 -2.64
N VAL A 53 -1.19 -5.12 -2.01
CA VAL A 53 -1.44 -4.91 -0.57
C VAL A 53 -2.31 -6.01 0.05
N LYS A 54 -2.03 -6.34 1.30
CA LYS A 54 -2.80 -7.36 2.01
C LYS A 54 -3.36 -6.83 3.32
N GLU A 55 -4.68 -6.77 3.43
CA GLU A 55 -5.33 -6.29 4.63
C GLU A 55 -5.22 -7.31 5.77
N LEU A 56 -4.91 -6.82 6.96
CA LEU A 56 -4.76 -7.69 8.13
C LEU A 56 -5.79 -7.34 9.20
N GLU A 57 -6.64 -8.31 9.55
CA GLU A 57 -7.65 -8.09 10.56
C GLU A 57 -7.24 -8.71 11.89
N LEU A 58 -6.49 -7.94 12.68
CA LEU A 58 -6.02 -8.42 13.98
C LEU A 58 -5.89 -7.26 14.97
N GLU A 59 -5.79 -7.58 16.24
CA GLU A 59 -5.65 -6.57 17.28
C GLU A 59 -4.19 -6.39 17.69
N HIS A 60 -3.63 -5.22 17.41
CA HIS A 60 -2.25 -4.93 17.74
C HIS A 60 -2.16 -3.80 18.76
N MET A 1 -5.77 3.59 12.44
CA MET A 1 -7.03 3.07 11.85
C MET A 1 -6.88 2.81 10.35
N ARG A 2 -7.47 1.72 9.88
CA ARG A 2 -7.40 1.35 8.47
C ARG A 2 -5.95 1.15 8.03
N GLN A 3 -5.47 -0.08 8.16
CA GLN A 3 -4.10 -0.41 7.79
C GLN A 3 -4.01 -1.83 7.26
N CYS A 4 -3.11 -2.05 6.32
CA CYS A 4 -2.90 -3.37 5.72
C CYS A 4 -1.44 -3.57 5.33
N LYS A 5 -0.98 -4.81 5.38
CA LYS A 5 0.39 -5.13 5.01
C LYS A 5 0.45 -6.05 3.80
N VAL A 6 1.21 -5.62 2.79
CA VAL A 6 1.38 -6.38 1.55
C VAL A 6 2.04 -7.73 1.82
N LEU A 7 1.61 -8.74 1.08
CA LEU A 7 2.16 -10.09 1.23
C LEU A 7 3.27 -10.35 0.21
N PHE A 8 3.26 -9.59 -0.89
CA PHE A 8 4.26 -9.75 -1.94
C PHE A 8 5.07 -8.48 -2.12
N GLU A 9 6.03 -8.51 -3.05
CA GLU A 9 6.88 -7.36 -3.32
C GLU A 9 6.53 -6.74 -4.66
N TYR A 10 6.73 -5.43 -4.78
CA TYR A 10 6.44 -4.71 -6.02
C TYR A 10 7.58 -3.79 -6.41
N ILE A 11 7.82 -3.68 -7.71
CA ILE A 11 8.89 -2.83 -8.23
C ILE A 11 8.33 -1.70 -9.08
N PRO A 12 8.34 -0.46 -8.56
CA PRO A 12 7.83 0.70 -9.29
C PRO A 12 8.76 1.15 -10.41
N GLN A 13 8.20 1.81 -11.41
CA GLN A 13 8.98 2.29 -12.54
C GLN A 13 9.15 3.82 -12.48
N ASN A 14 8.15 4.49 -11.93
CA ASN A 14 8.18 5.94 -11.81
C ASN A 14 8.15 6.36 -10.35
N GLU A 15 8.43 7.64 -10.09
CA GLU A 15 8.42 8.18 -8.73
C GLU A 15 7.01 8.17 -8.15
N ASP A 16 6.01 8.31 -9.02
CA ASP A 16 4.62 8.32 -8.60
C ASP A 16 4.22 6.98 -7.98
N GLU A 17 4.94 5.93 -8.36
CA GLU A 17 4.65 4.60 -7.84
C GLU A 17 5.60 4.23 -6.70
N LEU A 18 5.04 3.68 -5.63
CA LEU A 18 5.83 3.29 -4.46
C LEU A 18 6.15 1.80 -4.51
N GLU A 19 7.24 1.41 -3.85
CA GLU A 19 7.65 0.01 -3.82
C GLU A 19 7.08 -0.69 -2.59
N LEU A 20 6.10 -1.56 -2.82
CA LEU A 20 5.47 -2.30 -1.74
C LEU A 20 6.43 -3.31 -1.13
N LYS A 21 6.93 -3.02 0.06
CA LYS A 21 7.85 -3.91 0.75
C LYS A 21 7.11 -5.02 1.48
N VAL A 22 7.47 -6.27 1.17
CA VAL A 22 6.83 -7.42 1.79
C VAL A 22 6.98 -7.37 3.31
N GLY A 23 5.86 -7.53 4.01
CA GLY A 23 5.88 -7.49 5.47
C GLY A 23 5.70 -6.09 6.02
N ASP A 24 5.66 -5.09 5.14
CA ASP A 24 5.49 -3.71 5.56
C ASP A 24 4.04 -3.28 5.50
N ILE A 25 3.57 -2.63 6.56
CA ILE A 25 2.19 -2.16 6.62
C ILE A 25 2.08 -0.69 6.22
N ILE A 26 1.24 -0.43 5.22
CA ILE A 26 1.06 0.94 4.75
C ILE A 26 -0.33 1.46 5.09
N ASP A 27 -0.39 2.72 5.54
CA ASP A 27 -1.64 3.35 5.90
C ASP A 27 -2.22 4.14 4.72
N ILE A 28 -3.42 3.75 4.28
CA ILE A 28 -4.07 4.43 3.17
C ILE A 28 -4.70 5.75 3.62
N ASN A 29 -4.51 6.78 2.81
CA ASN A 29 -5.05 8.11 3.12
C ASN A 29 -6.37 8.33 2.39
N GLU A 30 -6.40 8.00 1.11
CA GLU A 30 -7.60 8.17 0.29
C GLU A 30 -7.46 7.44 -1.04
N GLU A 31 -8.59 6.95 -1.56
CA GLU A 31 -8.59 6.24 -2.83
C GLU A 31 -8.49 7.22 -4.00
N VAL A 32 -7.92 6.75 -5.11
CA VAL A 32 -7.76 7.59 -6.29
C VAL A 32 -8.55 7.03 -7.46
N GLU A 33 -8.24 5.79 -7.83
CA GLU A 33 -8.92 5.14 -8.96
C GLU A 33 -9.12 3.66 -8.67
N GLU A 34 -9.97 3.01 -9.48
CA GLU A 34 -10.25 1.59 -9.32
C GLU A 34 -8.97 0.77 -9.51
N GLY A 35 -8.53 0.12 -8.43
CA GLY A 35 -7.33 -0.68 -8.50
C GLY A 35 -6.11 0.07 -8.02
N TRP A 36 -6.19 1.40 -8.04
CA TRP A 36 -5.08 2.24 -7.60
C TRP A 36 -5.38 2.86 -6.24
N TRP A 37 -4.67 2.40 -5.21
CA TRP A 37 -4.85 2.91 -3.85
C TRP A 37 -3.63 3.69 -3.39
N SER A 38 -3.81 4.50 -2.35
CA SER A 38 -2.72 5.30 -1.81
C SER A 38 -2.30 4.80 -0.44
N GLY A 39 -1.07 5.12 -0.05
CA GLY A 39 -0.56 4.69 1.24
C GLY A 39 0.50 5.62 1.79
N THR A 40 0.79 5.49 3.08
CA THR A 40 1.79 6.34 3.73
C THR A 40 2.93 5.50 4.29
N LEU A 41 4.15 5.96 4.06
CA LEU A 41 5.34 5.25 4.54
C LEU A 41 6.43 6.24 4.94
N ASN A 42 6.48 6.57 6.23
CA ASN A 42 7.49 7.49 6.74
C ASN A 42 7.27 8.91 6.22
N ASN A 43 6.10 9.46 6.53
CA ASN A 43 5.76 10.82 6.10
C ASN A 43 5.82 10.94 4.58
N LYS A 44 5.64 9.83 3.88
CA LYS A 44 5.67 9.82 2.42
C LYS A 44 4.42 9.16 1.85
N LEU A 45 3.78 9.83 0.90
CA LEU A 45 2.57 9.31 0.28
C LEU A 45 2.87 8.78 -1.12
N GLY A 46 2.51 7.51 -1.35
CA GLY A 46 2.75 6.89 -2.64
C GLY A 46 1.57 6.06 -3.09
N LEU A 47 1.29 6.08 -4.39
CA LEU A 47 0.18 5.31 -4.94
C LEU A 47 0.68 4.05 -5.63
N PHE A 48 -0.14 3.00 -5.60
CA PHE A 48 0.22 1.72 -6.22
C PHE A 48 -1.01 0.81 -6.33
N PRO A 49 -0.89 -0.28 -7.09
CA PRO A 49 -2.00 -1.22 -7.29
C PRO A 49 -2.49 -1.82 -5.97
N SER A 50 -3.77 -1.62 -5.70
CA SER A 50 -4.39 -2.12 -4.47
C SER A 50 -4.41 -3.65 -4.45
N ASN A 51 -4.27 -4.27 -5.63
CA ASN A 51 -4.28 -5.72 -5.74
C ASN A 51 -3.12 -6.35 -4.97
N PHE A 52 -2.11 -5.55 -4.66
CA PHE A 52 -0.95 -6.04 -3.92
C PHE A 52 -1.27 -6.12 -2.42
N VAL A 53 -1.04 -5.01 -1.72
CA VAL A 53 -1.29 -4.90 -0.27
C VAL A 53 -2.19 -6.01 0.28
N LYS A 54 -1.93 -6.44 1.50
CA LYS A 54 -2.73 -7.48 2.14
C LYS A 54 -3.29 -7.02 3.48
N GLU A 55 -4.59 -7.24 3.67
CA GLU A 55 -5.25 -6.85 4.91
C GLU A 55 -4.86 -7.79 6.05
N LEU A 56 -4.60 -7.21 7.22
CA LEU A 56 -4.21 -7.99 8.39
C LEU A 56 -5.38 -8.82 8.89
N GLU A 57 -6.50 -8.15 9.18
CA GLU A 57 -7.69 -8.84 9.68
C GLU A 57 -7.43 -9.49 11.03
N LEU A 58 -8.40 -10.24 11.53
CA LEU A 58 -8.28 -10.91 12.82
C LEU A 58 -8.10 -9.90 13.95
N GLU A 59 -9.00 -9.96 14.92
CA GLU A 59 -8.94 -9.05 16.07
C GLU A 59 -7.97 -9.57 17.13
N HIS A 60 -8.32 -10.70 17.74
CA HIS A 60 -7.48 -11.31 18.77
C HIS A 60 -7.24 -12.78 18.48
N MET A 1 -7.36 3.44 11.96
CA MET A 1 -8.63 2.72 11.68
C MET A 1 -8.72 2.28 10.22
N ARG A 2 -7.56 2.01 9.63
CA ARG A 2 -7.51 1.59 8.23
C ARG A 2 -6.07 1.28 7.81
N GLN A 3 -5.64 0.05 8.06
CA GLN A 3 -4.28 -0.36 7.70
C GLN A 3 -4.27 -1.77 7.12
N CYS A 4 -3.36 -2.01 6.18
CA CYS A 4 -3.24 -3.31 5.54
C CYS A 4 -1.78 -3.63 5.23
N LYS A 5 -1.44 -4.92 5.25
CA LYS A 5 -0.07 -5.34 4.98
C LYS A 5 0.01 -6.21 3.72
N VAL A 6 0.87 -5.82 2.81
CA VAL A 6 1.09 -6.54 1.56
C VAL A 6 1.77 -7.87 1.80
N LEU A 7 1.38 -8.88 1.01
CA LEU A 7 1.98 -10.21 1.14
C LEU A 7 3.17 -10.37 0.21
N PHE A 8 3.17 -9.62 -0.90
CA PHE A 8 4.26 -9.67 -1.86
C PHE A 8 4.97 -8.32 -1.95
N GLU A 9 6.01 -8.25 -2.78
CA GLU A 9 6.77 -7.03 -2.95
C GLU A 9 6.47 -6.38 -4.30
N TYR A 10 6.56 -5.05 -4.34
CA TYR A 10 6.30 -4.31 -5.58
C TYR A 10 7.45 -3.36 -5.89
N ILE A 11 7.75 -3.21 -7.17
CA ILE A 11 8.83 -2.34 -7.61
C ILE A 11 8.31 -1.19 -8.47
N PRO A 12 8.52 0.07 -8.04
CA PRO A 12 8.06 1.24 -8.78
C PRO A 12 8.88 1.50 -10.03
N GLN A 13 8.22 1.97 -11.09
CA GLN A 13 8.89 2.26 -12.36
C GLN A 13 8.86 3.75 -12.66
N ASN A 14 7.76 4.40 -12.31
CA ASN A 14 7.60 5.83 -12.56
C ASN A 14 7.86 6.63 -11.27
N GLU A 15 8.02 7.93 -11.42
CA GLU A 15 8.27 8.80 -10.27
C GLU A 15 7.08 8.82 -9.32
N ASP A 16 5.88 8.60 -9.87
CA ASP A 16 4.67 8.59 -9.06
C ASP A 16 4.31 7.17 -8.64
N GLU A 17 5.31 6.41 -8.21
CA GLU A 17 5.09 5.04 -7.78
C GLU A 17 5.91 4.73 -6.53
N LEU A 18 5.26 4.10 -5.54
CA LEU A 18 5.92 3.75 -4.29
C LEU A 18 6.38 2.30 -4.31
N GLU A 19 7.29 1.96 -3.41
CA GLU A 19 7.81 0.60 -3.33
C GLU A 19 7.24 -0.12 -2.12
N LEU A 20 6.33 -1.07 -2.36
CA LEU A 20 5.71 -1.83 -1.30
C LEU A 20 6.52 -3.09 -0.98
N LYS A 21 7.18 -3.08 0.18
CA LYS A 21 7.99 -4.21 0.59
C LYS A 21 7.14 -5.27 1.30
N VAL A 22 7.41 -6.53 1.01
CA VAL A 22 6.67 -7.63 1.62
C VAL A 22 6.79 -7.60 3.15
N GLY A 23 5.66 -7.66 3.83
CA GLY A 23 5.67 -7.64 5.28
C GLY A 23 5.60 -6.24 5.85
N ASP A 24 5.66 -5.24 4.98
CA ASP A 24 5.62 -3.84 5.41
C ASP A 24 4.19 -3.38 5.59
N ILE A 25 3.96 -2.54 6.60
CA ILE A 25 2.63 -2.01 6.88
C ILE A 25 2.44 -0.64 6.24
N ILE A 26 1.36 -0.49 5.49
CA ILE A 26 1.07 0.78 4.82
C ILE A 26 -0.35 1.25 5.11
N ASP A 27 -0.47 2.49 5.55
CA ASP A 27 -1.78 3.07 5.86
C ASP A 27 -2.31 3.89 4.70
N ILE A 28 -3.49 3.54 4.22
CA ILE A 28 -4.11 4.25 3.10
C ILE A 28 -4.70 5.59 3.55
N ASN A 29 -4.29 6.66 2.89
CA ASN A 29 -4.78 7.99 3.21
C ASN A 29 -5.96 8.37 2.33
N GLU A 30 -5.97 7.86 1.10
CA GLU A 30 -7.05 8.14 0.16
C GLU A 30 -6.99 7.20 -1.03
N GLU A 31 -8.13 6.63 -1.39
CA GLU A 31 -8.21 5.70 -2.53
C GLU A 31 -8.40 6.46 -3.84
N VAL A 32 -7.56 6.15 -4.82
CA VAL A 32 -7.65 6.80 -6.12
C VAL A 32 -8.84 6.29 -6.92
N GLU A 33 -8.80 5.00 -7.26
CA GLU A 33 -9.88 4.38 -8.03
C GLU A 33 -9.74 2.86 -8.03
N GLU A 34 -10.69 2.19 -8.67
CA GLU A 34 -10.68 0.74 -8.73
C GLU A 34 -9.43 0.23 -9.45
N GLY A 35 -8.35 0.08 -8.69
CA GLY A 35 -7.11 -0.40 -9.27
C GLY A 35 -5.89 0.21 -8.60
N TRP A 36 -5.88 1.53 -8.46
CA TRP A 36 -4.76 2.23 -7.82
C TRP A 36 -5.16 2.74 -6.44
N TRP A 37 -4.34 2.44 -5.44
CA TRP A 37 -4.60 2.88 -4.08
C TRP A 37 -3.42 3.69 -3.53
N SER A 38 -3.67 4.44 -2.46
CA SER A 38 -2.64 5.26 -1.86
C SER A 38 -2.24 4.71 -0.49
N GLY A 39 -1.04 5.06 -0.04
CA GLY A 39 -0.56 4.58 1.24
C GLY A 39 0.53 5.46 1.81
N THR A 40 0.83 5.29 3.09
CA THR A 40 1.85 6.08 3.76
C THR A 40 2.55 5.27 4.85
N LEU A 41 3.87 5.42 4.95
CA LEU A 41 4.66 4.70 5.94
C LEU A 41 5.14 5.65 7.03
N ASN A 42 5.41 6.89 6.66
CA ASN A 42 5.89 7.88 7.60
C ASN A 42 5.97 9.26 6.94
N ASN A 43 6.95 9.41 6.05
CA ASN A 43 7.15 10.68 5.34
C ASN A 43 7.24 10.45 3.83
N LYS A 44 6.79 9.29 3.37
CA LYS A 44 6.82 8.96 1.95
C LYS A 44 5.42 8.62 1.44
N LEU A 45 4.97 9.36 0.45
CA LEU A 45 3.65 9.14 -0.14
C LEU A 45 3.75 8.79 -1.61
N GLY A 46 2.98 7.79 -2.04
CA GLY A 46 3.00 7.37 -3.43
C GLY A 46 1.76 6.61 -3.82
N LEU A 47 1.73 6.10 -5.05
CA LEU A 47 0.59 5.34 -5.54
C LEU A 47 1.02 3.99 -6.09
N PHE A 48 0.15 3.00 -5.97
CA PHE A 48 0.43 1.65 -6.46
C PHE A 48 -0.84 0.83 -6.57
N PRO A 49 -0.77 -0.33 -7.25
CA PRO A 49 -1.93 -1.21 -7.43
C PRO A 49 -2.54 -1.66 -6.11
N SER A 50 -3.80 -1.33 -5.91
CA SER A 50 -4.50 -1.71 -4.68
C SER A 50 -4.59 -3.22 -4.52
N ASN A 51 -4.43 -3.94 -5.63
CA ASN A 51 -4.49 -5.39 -5.61
C ASN A 51 -3.39 -5.98 -4.73
N PHE A 52 -2.29 -5.25 -4.58
CA PHE A 52 -1.17 -5.71 -3.76
C PHE A 52 -1.57 -5.78 -2.29
N VAL A 53 -1.35 -4.66 -1.57
CA VAL A 53 -1.69 -4.55 -0.13
C VAL A 53 -2.65 -5.63 0.36
N LYS A 54 -2.47 -6.07 1.60
CA LYS A 54 -3.33 -7.08 2.16
C LYS A 54 -3.73 -6.77 3.60
N GLU A 55 -5.02 -6.55 3.82
CA GLU A 55 -5.53 -6.24 5.15
C GLU A 55 -5.29 -7.40 6.11
N LEU A 56 -4.85 -7.08 7.32
CA LEU A 56 -4.59 -8.10 8.34
C LEU A 56 -5.84 -8.88 8.66
N GLU A 57 -5.76 -9.73 9.68
CA GLU A 57 -6.90 -10.55 10.09
C GLU A 57 -7.31 -10.24 11.53
N LEU A 58 -6.59 -10.83 12.48
CA LEU A 58 -6.87 -10.61 13.89
C LEU A 58 -5.58 -10.40 14.68
N GLU A 59 -5.72 -9.87 15.90
CA GLU A 59 -4.57 -9.62 16.75
C GLU A 59 -4.87 -9.98 18.20
N HIS A 60 -4.47 -11.18 18.61
CA HIS A 60 -4.70 -11.64 19.98
C HIS A 60 -3.42 -11.56 20.80
N MET A 1 -4.72 4.62 12.06
CA MET A 1 -6.09 4.18 11.72
C MET A 1 -6.13 3.49 10.36
N ARG A 2 -6.64 2.26 10.32
CA ARG A 2 -6.72 1.51 9.08
C ARG A 2 -5.34 1.28 8.48
N GLN A 3 -4.90 0.03 8.49
CA GLN A 3 -3.59 -0.32 7.95
C GLN A 3 -3.66 -1.60 7.11
N CYS A 4 -2.74 -1.73 6.16
CA CYS A 4 -2.70 -2.89 5.29
C CYS A 4 -1.26 -3.22 4.91
N LYS A 5 -0.94 -4.51 4.86
CA LYS A 5 0.41 -4.94 4.51
C LYS A 5 0.39 -5.90 3.32
N VAL A 6 1.16 -5.55 2.30
CA VAL A 6 1.27 -6.36 1.09
C VAL A 6 1.85 -7.74 1.39
N LEU A 7 1.37 -8.75 0.68
CA LEU A 7 1.84 -10.12 0.87
C LEU A 7 3.00 -10.44 -0.08
N PHE A 8 3.06 -9.72 -1.20
CA PHE A 8 4.12 -9.94 -2.18
C PHE A 8 5.02 -8.71 -2.30
N GLU A 9 6.03 -8.81 -3.16
CA GLU A 9 6.97 -7.71 -3.35
C GLU A 9 6.54 -6.82 -4.51
N TYR A 10 6.86 -5.53 -4.41
CA TYR A 10 6.51 -4.56 -5.45
C TYR A 10 7.66 -3.60 -5.71
N ILE A 11 7.84 -3.21 -6.96
CA ILE A 11 8.91 -2.29 -7.34
C ILE A 11 8.35 -1.08 -8.08
N PRO A 12 8.74 0.14 -7.69
CA PRO A 12 8.27 1.37 -8.33
C PRO A 12 9.03 1.69 -9.62
N GLN A 13 8.33 2.25 -10.59
CA GLN A 13 8.94 2.59 -11.87
C GLN A 13 8.65 4.05 -12.24
N ASN A 14 7.42 4.48 -12.02
CA ASN A 14 7.01 5.85 -12.33
C ASN A 14 7.38 6.79 -11.19
N GLU A 15 7.23 8.09 -11.44
CA GLU A 15 7.54 9.11 -10.43
C GLU A 15 6.65 8.95 -9.21
N ASP A 16 5.39 8.58 -9.44
CA ASP A 16 4.44 8.40 -8.35
C ASP A 16 4.27 6.93 -8.02
N GLU A 17 5.38 6.28 -7.66
CA GLU A 17 5.35 4.87 -7.31
C GLU A 17 6.27 4.57 -6.12
N LEU A 18 5.70 3.98 -5.08
CA LEU A 18 6.47 3.65 -3.88
C LEU A 18 6.83 2.16 -3.86
N GLU A 19 7.92 1.84 -3.18
CA GLU A 19 8.38 0.46 -3.08
C GLU A 19 7.68 -0.26 -1.94
N LEU A 20 6.76 -1.16 -2.29
CA LEU A 20 6.02 -1.92 -1.28
C LEU A 20 6.51 -3.36 -1.23
N LYS A 21 7.53 -3.61 -0.42
CA LYS A 21 8.09 -4.95 -0.28
C LYS A 21 7.22 -5.80 0.65
N VAL A 22 7.50 -7.10 0.67
CA VAL A 22 6.74 -8.03 1.50
C VAL A 22 6.99 -7.75 2.98
N GLY A 23 5.92 -7.60 3.74
CA GLY A 23 6.04 -7.33 5.16
C GLY A 23 5.98 -5.86 5.49
N ASP A 24 5.95 -5.02 4.46
CA ASP A 24 5.89 -3.56 4.66
C ASP A 24 4.49 -3.12 5.06
N ILE A 25 4.41 -2.33 6.12
CA ILE A 25 3.12 -1.83 6.61
C ILE A 25 2.84 -0.44 6.07
N ILE A 26 1.66 -0.27 5.48
CA ILE A 26 1.26 1.02 4.93
C ILE A 26 -0.12 1.42 5.41
N ASP A 27 -0.30 2.71 5.73
CA ASP A 27 -1.57 3.22 6.21
C ASP A 27 -2.39 3.78 5.05
N ILE A 28 -3.57 3.21 4.83
CA ILE A 28 -4.45 3.65 3.76
C ILE A 28 -5.29 4.85 4.21
N ASN A 29 -5.39 5.85 3.34
CA ASN A 29 -6.17 7.04 3.64
C ASN A 29 -7.46 7.09 2.81
N GLU A 30 -7.32 6.82 1.52
CA GLU A 30 -8.48 6.84 0.62
C GLU A 30 -8.13 6.20 -0.71
N GLU A 31 -9.13 5.62 -1.37
CA GLU A 31 -8.92 4.97 -2.66
C GLU A 31 -8.80 6.01 -3.78
N VAL A 32 -7.82 5.81 -4.65
CA VAL A 32 -7.60 6.74 -5.76
C VAL A 32 -8.44 6.35 -6.97
N GLU A 33 -8.11 5.20 -7.57
CA GLU A 33 -8.84 4.72 -8.74
C GLU A 33 -9.16 3.24 -8.61
N GLU A 34 -9.98 2.73 -9.52
CA GLU A 34 -10.37 1.32 -9.50
C GLU A 34 -9.18 0.43 -9.81
N GLY A 35 -8.46 0.02 -8.77
CA GLY A 35 -7.31 -0.84 -8.96
C GLY A 35 -6.06 -0.29 -8.31
N TRP A 36 -6.04 1.03 -8.09
CA TRP A 36 -4.89 1.68 -7.47
C TRP A 36 -5.27 2.30 -6.14
N TRP A 37 -4.46 2.05 -5.12
CA TRP A 37 -4.71 2.58 -3.78
C TRP A 37 -3.55 3.46 -3.32
N SER A 38 -3.80 4.29 -2.31
CA SER A 38 -2.78 5.17 -1.78
C SER A 38 -2.43 4.79 -0.34
N GLY A 39 -1.20 5.12 0.07
CA GLY A 39 -0.76 4.80 1.42
C GLY A 39 0.46 5.60 1.83
N THR A 40 0.83 5.50 3.10
CA THR A 40 1.99 6.21 3.62
C THR A 40 2.87 5.30 4.47
N LEU A 41 4.09 5.08 4.02
CA LEU A 41 5.04 4.23 4.73
C LEU A 41 5.51 4.90 6.02
N ASN A 42 6.19 6.03 5.86
CA ASN A 42 6.70 6.78 7.01
C ASN A 42 6.37 8.26 6.89
N ASN A 43 6.90 8.89 5.85
CA ASN A 43 6.67 10.31 5.62
C ASN A 43 6.63 10.62 4.12
N LYS A 44 6.34 9.60 3.31
CA LYS A 44 6.27 9.76 1.87
C LYS A 44 4.95 9.21 1.33
N LEU A 45 4.34 9.94 0.40
CA LEU A 45 3.08 9.52 -0.19
C LEU A 45 3.27 9.11 -1.65
N GLY A 46 3.11 7.83 -1.93
CA GLY A 46 3.27 7.33 -3.29
C GLY A 46 2.01 6.68 -3.81
N LEU A 47 2.17 5.85 -4.84
CA LEU A 47 1.02 5.15 -5.43
C LEU A 47 1.42 3.76 -5.89
N PHE A 48 0.46 2.83 -5.83
CA PHE A 48 0.70 1.45 -6.24
C PHE A 48 -0.61 0.69 -6.40
N PRO A 49 -0.60 -0.43 -7.14
CA PRO A 49 -1.81 -1.24 -7.36
C PRO A 49 -2.43 -1.72 -6.06
N SER A 50 -3.71 -1.42 -5.88
CA SER A 50 -4.43 -1.82 -4.68
C SER A 50 -4.53 -3.34 -4.57
N ASN A 51 -4.34 -4.03 -5.69
CA ASN A 51 -4.41 -5.48 -5.72
C ASN A 51 -3.33 -6.09 -4.82
N PHE A 52 -2.24 -5.36 -4.63
CA PHE A 52 -1.14 -5.84 -3.79
C PHE A 52 -1.51 -5.76 -2.31
N VAL A 53 -1.22 -4.62 -1.68
CA VAL A 53 -1.51 -4.38 -0.26
C VAL A 53 -2.53 -5.35 0.33
N LYS A 54 -2.36 -5.72 1.59
CA LYS A 54 -3.27 -6.64 2.25
C LYS A 54 -3.91 -6.01 3.47
N GLU A 55 -5.23 -5.97 3.50
CA GLU A 55 -5.97 -5.39 4.63
C GLU A 55 -5.95 -6.33 5.83
N LEU A 56 -5.71 -5.78 7.00
CA LEU A 56 -5.67 -6.57 8.23
C LEU A 56 -7.03 -7.15 8.55
N GLU A 57 -7.15 -7.79 9.71
CA GLU A 57 -8.40 -8.39 10.14
C GLU A 57 -8.69 -8.11 11.61
N LEU A 58 -9.79 -7.41 11.87
CA LEU A 58 -10.16 -7.07 13.23
C LEU A 58 -11.68 -6.97 13.36
N GLU A 59 -12.29 -8.03 13.91
CA GLU A 59 -13.74 -8.06 14.09
C GLU A 59 -14.45 -7.94 12.75
N HIS A 60 -15.09 -9.03 12.33
CA HIS A 60 -15.82 -9.04 11.07
C HIS A 60 -17.04 -8.13 11.13
N MET A 1 -6.59 1.90 12.98
CA MET A 1 -7.79 2.57 12.43
C MET A 1 -7.99 2.23 10.95
N ARG A 2 -6.87 2.02 10.25
CA ARG A 2 -6.92 1.69 8.83
C ARG A 2 -5.52 1.42 8.28
N GLN A 3 -5.03 0.20 8.49
CA GLN A 3 -3.70 -0.18 8.01
C GLN A 3 -3.76 -1.48 7.22
N CYS A 4 -2.85 -1.61 6.26
CA CYS A 4 -2.80 -2.81 5.42
C CYS A 4 -1.36 -3.12 5.00
N LYS A 5 -1.01 -4.40 5.00
CA LYS A 5 0.34 -4.81 4.61
C LYS A 5 0.30 -5.74 3.40
N VAL A 6 1.07 -5.37 2.37
CA VAL A 6 1.16 -6.14 1.13
C VAL A 6 1.71 -7.53 1.39
N LEU A 7 1.19 -8.51 0.64
CA LEU A 7 1.63 -9.89 0.78
C LEU A 7 2.71 -10.24 -0.24
N PHE A 8 2.78 -9.47 -1.32
CA PHE A 8 3.77 -9.71 -2.37
C PHE A 8 4.75 -8.55 -2.47
N GLU A 9 5.71 -8.68 -3.38
CA GLU A 9 6.71 -7.65 -3.59
C GLU A 9 6.42 -6.84 -4.85
N TYR A 10 6.64 -5.53 -4.79
CA TYR A 10 6.40 -4.66 -5.93
C TYR A 10 7.66 -3.87 -6.29
N ILE A 11 7.86 -3.65 -7.58
CA ILE A 11 9.02 -2.90 -8.06
C ILE A 11 8.60 -1.67 -8.86
N PRO A 12 8.75 -0.47 -8.28
CA PRO A 12 8.37 0.79 -8.95
C PRO A 12 9.35 1.16 -10.07
N GLN A 13 9.25 2.39 -10.55
CA GLN A 13 10.11 2.86 -11.61
C GLN A 13 10.14 4.38 -11.66
N ASN A 14 8.96 4.99 -11.58
CA ASN A 14 8.85 6.45 -11.60
C ASN A 14 8.87 7.02 -10.19
N GLU A 15 9.04 8.34 -10.10
CA GLU A 15 9.08 9.02 -8.81
C GLU A 15 7.74 8.91 -8.10
N ASP A 16 6.68 8.73 -8.86
CA ASP A 16 5.33 8.62 -8.30
C ASP A 16 4.96 7.16 -8.07
N GLU A 17 5.90 6.38 -7.54
CA GLU A 17 5.67 4.97 -7.27
C GLU A 17 6.38 4.54 -5.99
N LEU A 18 5.66 3.84 -5.12
CA LEU A 18 6.22 3.37 -3.87
C LEU A 18 6.66 1.91 -3.97
N GLU A 19 7.48 1.47 -3.03
CA GLU A 19 7.98 0.10 -3.02
C GLU A 19 7.22 -0.74 -2.00
N LEU A 20 6.36 -1.63 -2.48
CA LEU A 20 5.59 -2.50 -1.61
C LEU A 20 6.29 -3.84 -1.39
N LYS A 21 7.17 -3.89 -0.40
CA LYS A 21 7.90 -5.11 -0.08
C LYS A 21 7.11 -5.99 0.87
N VAL A 22 7.26 -7.30 0.72
CA VAL A 22 6.56 -8.26 1.57
C VAL A 22 6.88 -8.02 3.04
N GLY A 23 5.85 -7.91 3.86
CA GLY A 23 6.06 -7.68 5.28
C GLY A 23 5.93 -6.21 5.66
N ASP A 24 5.79 -5.35 4.66
CA ASP A 24 5.67 -3.92 4.91
C ASP A 24 4.22 -3.49 5.03
N ILE A 25 3.93 -2.66 6.03
CA ILE A 25 2.57 -2.17 6.26
C ILE A 25 2.50 -0.66 6.07
N ILE A 26 1.61 -0.22 5.19
CA ILE A 26 1.44 1.20 4.91
C ILE A 26 0.05 1.69 5.32
N ASP A 27 -0.01 2.87 5.92
CA ASP A 27 -1.28 3.44 6.35
C ASP A 27 -2.04 4.03 5.17
N ILE A 28 -3.23 3.51 4.92
CA ILE A 28 -4.06 3.99 3.82
C ILE A 28 -4.87 5.21 4.23
N ASN A 29 -4.91 6.21 3.35
CA ASN A 29 -5.66 7.43 3.62
C ASN A 29 -6.96 7.46 2.83
N GLU A 30 -6.89 7.07 1.57
CA GLU A 30 -8.07 7.05 0.70
C GLU A 30 -7.78 6.28 -0.58
N GLU A 31 -8.85 5.90 -1.29
CA GLU A 31 -8.71 5.15 -2.53
C GLU A 31 -9.17 6.00 -3.72
N VAL A 32 -8.37 6.00 -4.78
CA VAL A 32 -8.69 6.77 -5.98
C VAL A 32 -9.81 6.12 -6.76
N GLU A 33 -9.74 4.80 -6.90
CA GLU A 33 -10.75 4.05 -7.63
C GLU A 33 -10.50 2.55 -7.54
N GLU A 34 -11.33 1.77 -8.22
CA GLU A 34 -11.21 0.31 -8.20
C GLU A 34 -10.07 -0.14 -9.10
N GLY A 35 -8.84 0.07 -8.64
CA GLY A 35 -7.68 -0.32 -9.41
C GLY A 35 -6.38 0.09 -8.75
N TRP A 36 -6.34 1.32 -8.24
CA TRP A 36 -5.14 1.84 -7.58
C TRP A 36 -5.47 2.31 -6.17
N TRP A 37 -4.51 2.19 -5.27
CA TRP A 37 -4.70 2.61 -3.88
C TRP A 37 -3.58 3.58 -3.46
N SER A 38 -3.87 4.37 -2.43
CA SER A 38 -2.90 5.33 -1.93
C SER A 38 -2.65 5.11 -0.44
N GLY A 39 -1.40 5.32 -0.02
CA GLY A 39 -1.04 5.13 1.37
C GLY A 39 0.10 6.03 1.82
N THR A 40 0.56 5.84 3.04
CA THR A 40 1.65 6.64 3.58
C THR A 40 2.34 5.91 4.73
N LEU A 41 3.57 5.47 4.47
CA LEU A 41 4.34 4.76 5.49
C LEU A 41 4.67 5.67 6.67
N ASN A 42 5.49 6.68 6.42
CA ASN A 42 5.88 7.64 7.46
C ASN A 42 5.65 9.06 6.99
N ASN A 43 6.47 9.50 6.03
CA ASN A 43 6.35 10.86 5.51
C ASN A 43 6.47 10.86 3.98
N LYS A 44 6.09 9.74 3.37
CA LYS A 44 6.15 9.62 1.92
C LYS A 44 4.81 9.15 1.36
N LEU A 45 4.44 9.68 0.20
CA LEU A 45 3.18 9.31 -0.44
C LEU A 45 3.41 8.82 -1.86
N GLY A 46 2.93 7.62 -2.15
CA GLY A 46 3.08 7.05 -3.48
C GLY A 46 1.83 6.37 -3.98
N LEU A 47 1.93 5.69 -5.11
CA LEU A 47 0.79 4.99 -5.69
C LEU A 47 1.19 3.62 -6.22
N PHE A 48 0.27 2.67 -6.16
CA PHE A 48 0.52 1.31 -6.63
C PHE A 48 -0.78 0.53 -6.79
N PRO A 49 -0.74 -0.59 -7.51
CA PRO A 49 -1.93 -1.44 -7.74
C PRO A 49 -2.53 -1.92 -6.42
N SER A 50 -3.82 -1.68 -6.25
CA SER A 50 -4.53 -2.11 -5.04
C SER A 50 -4.56 -3.63 -4.93
N ASN A 51 -4.35 -4.31 -6.04
CA ASN A 51 -4.36 -5.77 -6.06
C ASN A 51 -3.24 -6.33 -5.18
N PHE A 52 -2.16 -5.59 -5.05
CA PHE A 52 -1.03 -6.02 -4.25
C PHE A 52 -1.37 -5.98 -2.75
N VAL A 53 -1.18 -4.81 -2.12
CA VAL A 53 -1.47 -4.60 -0.69
C VAL A 53 -2.38 -5.67 -0.09
N LYS A 54 -2.13 -6.01 1.18
CA LYS A 54 -2.95 -7.01 1.86
C LYS A 54 -3.45 -6.49 3.19
N GLU A 55 -4.77 -6.53 3.38
CA GLU A 55 -5.40 -6.06 4.61
C GLU A 55 -5.45 -7.18 5.66
N LEU A 56 -5.12 -6.84 6.89
CA LEU A 56 -5.13 -7.82 7.99
C LEU A 56 -5.29 -7.12 9.33
N GLU A 57 -6.08 -6.05 9.36
CA GLU A 57 -6.31 -5.29 10.58
C GLU A 57 -7.08 -6.14 11.59
N LEU A 58 -6.38 -7.05 12.26
CA LEU A 58 -6.98 -7.91 13.26
C LEU A 58 -5.98 -8.30 14.33
N GLU A 59 -6.44 -9.01 15.35
CA GLU A 59 -5.58 -9.44 16.45
C GLU A 59 -6.18 -10.66 17.15
N HIS A 60 -7.32 -10.46 17.81
CA HIS A 60 -7.99 -11.53 18.53
C HIS A 60 -9.36 -11.09 19.01
N MET A 1 -6.27 5.47 10.97
CA MET A 1 -6.74 4.06 11.08
C MET A 1 -6.67 3.35 9.72
N ARG A 2 -7.11 2.10 9.70
CA ARG A 2 -7.11 1.31 8.46
C ARG A 2 -5.68 1.16 7.94
N GLN A 3 -5.13 -0.04 8.09
CA GLN A 3 -3.78 -0.32 7.62
C GLN A 3 -3.69 -1.73 7.02
N CYS A 4 -2.82 -1.89 6.03
CA CYS A 4 -2.64 -3.18 5.38
C CYS A 4 -1.20 -3.36 4.90
N LYS A 5 -0.70 -4.58 4.98
CA LYS A 5 0.67 -4.86 4.55
C LYS A 5 0.69 -5.90 3.43
N VAL A 6 1.35 -5.56 2.33
CA VAL A 6 1.46 -6.42 1.17
C VAL A 6 2.19 -7.72 1.53
N LEU A 7 1.76 -8.82 0.91
CA LEU A 7 2.37 -10.12 1.15
C LEU A 7 3.47 -10.41 0.14
N PHE A 8 3.43 -9.74 -1.01
CA PHE A 8 4.44 -9.93 -2.04
C PHE A 8 5.26 -8.67 -2.26
N GLU A 9 6.22 -8.73 -3.17
CA GLU A 9 7.09 -7.59 -3.47
C GLU A 9 6.61 -6.87 -4.73
N TYR A 10 6.95 -5.59 -4.83
CA TYR A 10 6.56 -4.79 -5.99
C TYR A 10 7.63 -3.76 -6.32
N ILE A 11 7.83 -3.51 -7.61
CA ILE A 11 8.82 -2.54 -8.05
C ILE A 11 8.15 -1.32 -8.69
N PRO A 12 8.15 -0.17 -8.00
CA PRO A 12 7.53 1.05 -8.52
C PRO A 12 8.37 1.72 -9.61
N GLN A 13 9.66 1.82 -9.35
CA GLN A 13 10.59 2.44 -10.31
C GLN A 13 10.13 3.84 -10.70
N ASN A 14 9.40 4.49 -9.79
CA ASN A 14 8.89 5.84 -10.04
C ASN A 14 8.53 6.53 -8.73
N GLU A 15 8.61 7.86 -8.73
CA GLU A 15 8.27 8.64 -7.53
C GLU A 15 6.79 8.51 -7.20
N ASP A 16 5.97 8.36 -8.24
CA ASP A 16 4.53 8.23 -8.06
C ASP A 16 4.17 6.86 -7.48
N GLU A 17 5.00 5.86 -7.79
CA GLU A 17 4.78 4.51 -7.31
C GLU A 17 5.64 4.21 -6.08
N LEU A 18 5.06 3.53 -5.10
CA LEU A 18 5.77 3.19 -3.88
C LEU A 18 6.31 1.76 -3.94
N GLU A 19 7.25 1.44 -3.05
CA GLU A 19 7.84 0.11 -3.01
C GLU A 19 7.08 -0.77 -2.02
N LEU A 20 6.31 -1.72 -2.55
CA LEU A 20 5.55 -2.64 -1.72
C LEU A 20 6.32 -3.93 -1.46
N LYS A 21 7.02 -3.97 -0.33
CA LYS A 21 7.81 -5.15 0.03
C LYS A 21 7.04 -6.04 1.01
N VAL A 22 7.35 -7.33 1.00
CA VAL A 22 6.69 -8.27 1.90
C VAL A 22 6.88 -7.88 3.35
N GLY A 23 5.78 -7.81 4.10
CA GLY A 23 5.84 -7.45 5.49
C GLY A 23 5.73 -5.95 5.72
N ASP A 24 5.71 -5.18 4.63
CA ASP A 24 5.62 -3.73 4.71
C ASP A 24 4.16 -3.29 4.79
N ILE A 25 3.84 -2.46 5.80
CA ILE A 25 2.48 -1.97 5.98
C ILE A 25 2.39 -0.49 5.62
N ILE A 26 1.49 -0.17 4.70
CA ILE A 26 1.28 1.21 4.27
C ILE A 26 -0.05 1.75 4.75
N ASP A 27 -0.04 3.00 5.23
CA ASP A 27 -1.25 3.64 5.72
C ASP A 27 -2.07 4.21 4.58
N ILE A 28 -3.30 3.72 4.43
CA ILE A 28 -4.19 4.20 3.37
C ILE A 28 -4.96 5.44 3.82
N ASN A 29 -4.73 6.56 3.13
CA ASN A 29 -5.41 7.80 3.47
C ASN A 29 -6.69 7.96 2.65
N GLU A 30 -6.59 7.69 1.35
CA GLU A 30 -7.75 7.81 0.47
C GLU A 30 -7.57 6.93 -0.78
N GLU A 31 -8.67 6.71 -1.49
CA GLU A 31 -8.65 5.90 -2.70
C GLU A 31 -8.81 6.77 -3.94
N VAL A 32 -7.83 6.73 -4.83
CA VAL A 32 -7.87 7.51 -6.06
C VAL A 32 -8.95 7.00 -7.01
N GLU A 33 -9.05 5.67 -7.12
CA GLU A 33 -10.04 5.05 -8.00
C GLU A 33 -9.90 3.54 -7.98
N GLU A 34 -10.74 2.87 -8.78
CA GLU A 34 -10.71 1.41 -8.86
C GLU A 34 -9.46 0.93 -9.57
N GLY A 35 -8.61 0.19 -8.85
CA GLY A 35 -7.38 -0.32 -9.43
C GLY A 35 -6.15 0.32 -8.82
N TRP A 36 -6.30 1.55 -8.33
CA TRP A 36 -5.19 2.28 -7.73
C TRP A 36 -5.62 2.91 -6.41
N TRP A 37 -4.78 2.78 -5.39
CA TRP A 37 -5.06 3.34 -4.08
C TRP A 37 -3.96 4.29 -3.63
N SER A 38 -4.27 5.13 -2.65
CA SER A 38 -3.30 6.09 -2.13
C SER A 38 -2.89 5.74 -0.71
N GLY A 39 -1.59 5.72 -0.46
CA GLY A 39 -1.09 5.40 0.86
C GLY A 39 0.02 6.34 1.31
N THR A 40 0.57 6.06 2.49
CA THR A 40 1.64 6.90 3.04
C THR A 40 2.37 6.17 4.16
N LEU A 41 3.61 5.78 3.91
CA LEU A 41 4.41 5.07 4.89
C LEU A 41 4.76 5.99 6.06
N ASN A 42 5.51 7.05 5.78
CA ASN A 42 5.90 8.01 6.81
C ASN A 42 5.92 9.42 6.25
N ASN A 43 6.76 9.66 5.25
CA ASN A 43 6.87 10.97 4.63
C ASN A 43 6.96 10.85 3.11
N LYS A 44 6.48 9.73 2.58
CA LYS A 44 6.50 9.50 1.13
C LYS A 44 5.12 9.13 0.62
N LEU A 45 4.69 9.81 -0.45
CA LEU A 45 3.38 9.54 -1.04
C LEU A 45 3.52 8.79 -2.35
N GLY A 46 2.98 7.58 -2.40
CA GLY A 46 3.06 6.78 -3.61
C GLY A 46 1.81 5.94 -3.83
N LEU A 47 1.40 5.83 -5.09
CA LEU A 47 0.21 5.07 -5.44
C LEU A 47 0.60 3.71 -6.03
N PHE A 48 -0.28 2.72 -5.86
CA PHE A 48 -0.02 1.38 -6.38
C PHE A 48 -1.30 0.55 -6.42
N PRO A 49 -1.27 -0.61 -7.09
CA PRO A 49 -2.43 -1.49 -7.20
C PRO A 49 -2.91 -1.99 -5.85
N SER A 50 -4.17 -1.69 -5.53
CA SER A 50 -4.76 -2.11 -4.26
C SER A 50 -4.87 -3.64 -4.18
N ASN A 51 -4.84 -4.29 -5.33
CA ASN A 51 -4.95 -5.74 -5.39
C ASN A 51 -3.77 -6.41 -4.66
N PHE A 52 -2.63 -5.74 -4.66
CA PHE A 52 -1.44 -6.27 -4.00
C PHE A 52 -1.63 -6.30 -2.48
N VAL A 53 -1.41 -5.15 -1.84
CA VAL A 53 -1.54 -4.99 -0.39
C VAL A 53 -2.32 -6.12 0.28
N LYS A 54 -1.93 -6.48 1.50
CA LYS A 54 -2.60 -7.53 2.24
C LYS A 54 -3.15 -7.01 3.57
N GLU A 55 -4.32 -7.52 3.95
CA GLU A 55 -4.96 -7.11 5.20
C GLU A 55 -4.42 -7.91 6.38
N LEU A 56 -4.15 -7.23 7.49
CA LEU A 56 -3.62 -7.88 8.68
C LEU A 56 -4.71 -8.02 9.75
N GLU A 57 -5.95 -8.14 9.30
CA GLU A 57 -7.09 -8.28 10.21
C GLU A 57 -7.69 -9.68 10.12
N LEU A 58 -7.23 -10.58 10.99
CA LEU A 58 -7.72 -11.95 11.00
C LEU A 58 -7.35 -12.65 12.29
N GLU A 59 -8.33 -13.29 12.92
CA GLU A 59 -8.09 -14.01 14.17
C GLU A 59 -7.05 -15.10 13.99
N HIS A 60 -5.79 -14.77 14.29
CA HIS A 60 -4.70 -15.71 14.16
C HIS A 60 -4.20 -16.18 15.52
N MET A 1 -8.29 4.01 11.20
CA MET A 1 -7.91 2.66 11.72
C MET A 1 -7.96 1.62 10.61
N ARG A 2 -7.68 2.06 9.38
CA ARG A 2 -7.69 1.16 8.22
C ARG A 2 -6.28 0.99 7.67
N GLN A 3 -5.60 -0.06 8.11
CA GLN A 3 -4.24 -0.34 7.65
C GLN A 3 -4.10 -1.78 7.18
N CYS A 4 -3.17 -2.02 6.27
CA CYS A 4 -2.94 -3.36 5.74
C CYS A 4 -1.46 -3.55 5.39
N LYS A 5 -1.01 -4.80 5.40
CA LYS A 5 0.37 -5.10 5.08
C LYS A 5 0.47 -5.98 3.84
N VAL A 6 1.25 -5.53 2.87
CA VAL A 6 1.46 -6.25 1.62
C VAL A 6 2.09 -7.62 1.85
N LEU A 7 1.67 -8.60 1.07
CA LEU A 7 2.20 -9.96 1.18
C LEU A 7 3.34 -10.20 0.20
N PHE A 8 3.36 -9.45 -0.90
CA PHE A 8 4.38 -9.60 -1.92
C PHE A 8 5.25 -8.34 -2.01
N GLU A 9 6.23 -8.37 -2.90
CA GLU A 9 7.13 -7.23 -3.08
C GLU A 9 6.89 -6.57 -4.44
N TYR A 10 7.01 -5.25 -4.47
CA TYR A 10 6.80 -4.49 -5.71
C TYR A 10 8.00 -3.58 -5.99
N ILE A 11 8.32 -3.44 -7.27
CA ILE A 11 9.45 -2.59 -7.68
C ILE A 11 8.96 -1.34 -8.41
N PRO A 12 9.04 -0.17 -7.74
CA PRO A 12 8.60 1.10 -8.34
C PRO A 12 9.24 1.35 -9.70
N GLN A 13 8.49 1.97 -10.60
CA GLN A 13 8.98 2.27 -11.94
C GLN A 13 8.99 3.77 -12.19
N ASN A 14 7.94 4.45 -11.75
CA ASN A 14 7.82 5.89 -11.93
C ASN A 14 7.85 6.61 -10.59
N GLU A 15 7.96 7.94 -10.64
CA GLU A 15 8.00 8.76 -9.43
C GLU A 15 6.68 8.66 -8.66
N ASP A 16 5.60 8.30 -9.37
CA ASP A 16 4.29 8.18 -8.75
C ASP A 16 4.01 6.73 -8.37
N GLU A 17 5.03 6.03 -7.90
CA GLU A 17 4.90 4.63 -7.52
C GLU A 17 5.72 4.33 -6.27
N LEU A 18 5.08 3.73 -5.27
CA LEU A 18 5.77 3.39 -4.03
C LEU A 18 6.19 1.93 -4.02
N GLU A 19 7.21 1.62 -3.22
CA GLU A 19 7.72 0.25 -3.13
C GLU A 19 7.00 -0.53 -2.04
N LEU A 20 6.14 -1.46 -2.44
CA LEU A 20 5.39 -2.27 -1.49
C LEU A 20 6.21 -3.48 -1.05
N LYS A 21 7.06 -3.27 -0.05
CA LYS A 21 7.91 -4.35 0.46
C LYS A 21 7.12 -5.25 1.40
N VAL A 22 7.40 -6.55 1.33
CA VAL A 22 6.72 -7.53 2.17
C VAL A 22 7.05 -7.31 3.64
N GLY A 23 6.02 -7.26 4.48
CA GLY A 23 6.23 -7.06 5.90
C GLY A 23 6.00 -5.61 6.33
N ASP A 24 5.76 -4.73 5.36
CA ASP A 24 5.54 -3.32 5.67
C ASP A 24 4.05 -2.98 5.64
N ILE A 25 3.63 -2.09 6.53
CA ILE A 25 2.23 -1.69 6.61
C ILE A 25 2.03 -0.32 5.96
N ILE A 26 0.94 -0.18 5.23
CA ILE A 26 0.62 1.08 4.56
C ILE A 26 -0.76 1.59 4.94
N ASP A 27 -0.82 2.85 5.38
CA ASP A 27 -2.10 3.44 5.79
C ASP A 27 -2.69 4.26 4.65
N ILE A 28 -3.88 3.88 4.22
CA ILE A 28 -4.56 4.57 3.12
C ILE A 28 -5.27 5.83 3.62
N ASN A 29 -5.14 6.92 2.87
CA ASN A 29 -5.76 8.18 3.24
C ASN A 29 -6.96 8.47 2.36
N GLU A 30 -6.81 8.24 1.06
CA GLU A 30 -7.88 8.47 0.10
C GLU A 30 -7.78 7.51 -1.09
N GLU A 31 -8.92 7.15 -1.64
CA GLU A 31 -8.95 6.24 -2.79
C GLU A 31 -8.74 7.01 -4.09
N VAL A 32 -7.67 6.66 -4.80
CA VAL A 32 -7.35 7.32 -6.07
C VAL A 32 -8.43 7.06 -7.10
N GLU A 33 -8.54 5.82 -7.56
CA GLU A 33 -9.54 5.46 -8.56
C GLU A 33 -9.98 4.01 -8.39
N GLU A 34 -10.85 3.55 -9.27
CA GLU A 34 -11.35 2.17 -9.21
C GLU A 34 -10.29 1.19 -9.71
N GLY A 35 -9.18 1.12 -8.97
CA GLY A 35 -8.10 0.22 -9.34
C GLY A 35 -6.82 0.51 -8.57
N TRP A 36 -6.50 1.79 -8.44
CA TRP A 36 -5.30 2.20 -7.72
C TRP A 36 -5.66 2.80 -6.36
N TRP A 37 -4.93 2.39 -5.33
CA TRP A 37 -5.18 2.89 -3.98
C TRP A 37 -4.03 3.77 -3.50
N SER A 38 -4.29 4.57 -2.47
CA SER A 38 -3.28 5.46 -1.91
C SER A 38 -2.86 4.99 -0.53
N GLY A 39 -1.67 5.40 -0.11
CA GLY A 39 -1.16 5.01 1.20
C GLY A 39 0.17 5.66 1.53
N THR A 40 0.53 5.64 2.81
CA THR A 40 1.79 6.22 3.25
C THR A 40 2.70 5.15 3.83
N LEU A 41 4.01 5.40 3.76
CA LEU A 41 5.00 4.46 4.28
C LEU A 41 6.07 5.18 5.09
N ASN A 42 5.63 5.92 6.11
CA ASN A 42 6.56 6.65 6.96
C ASN A 42 7.35 7.68 6.15
N ASN A 43 6.81 8.89 6.04
CA ASN A 43 7.47 9.95 5.28
C ASN A 43 7.65 9.56 3.82
N LYS A 44 6.87 8.58 3.36
CA LYS A 44 6.95 8.12 1.98
C LYS A 44 5.57 8.13 1.33
N LEU A 45 5.36 9.06 0.41
CA LEU A 45 4.08 9.17 -0.28
C LEU A 45 4.17 8.57 -1.69
N GLY A 46 3.13 7.84 -2.08
CA GLY A 46 3.11 7.23 -3.40
C GLY A 46 1.90 6.35 -3.62
N LEU A 47 1.57 6.10 -4.88
CA LEU A 47 0.42 5.27 -5.22
C LEU A 47 0.86 3.92 -5.77
N PHE A 48 -0.02 2.94 -5.71
CA PHE A 48 0.28 1.60 -6.20
C PHE A 48 -0.98 0.75 -6.31
N PRO A 49 -0.92 -0.35 -7.08
CA PRO A 49 -2.06 -1.25 -7.27
C PRO A 49 -2.57 -1.84 -5.95
N SER A 50 -3.87 -1.68 -5.71
CA SER A 50 -4.48 -2.19 -4.48
C SER A 50 -4.44 -3.72 -4.43
N ASN A 51 -4.25 -4.35 -5.59
CA ASN A 51 -4.20 -5.80 -5.66
C ASN A 51 -3.02 -6.36 -4.85
N PHE A 52 -1.98 -5.54 -4.67
CA PHE A 52 -0.81 -5.97 -3.91
C PHE A 52 -1.14 -6.05 -2.41
N VAL A 53 -0.97 -4.92 -1.71
CA VAL A 53 -1.24 -4.82 -0.26
C VAL A 53 -2.10 -5.98 0.27
N LYS A 54 -1.83 -6.39 1.51
CA LYS A 54 -2.60 -7.47 2.11
C LYS A 54 -3.19 -7.04 3.45
N GLU A 55 -4.50 -7.25 3.59
CA GLU A 55 -5.20 -6.89 4.82
C GLU A 55 -4.82 -7.83 5.97
N LEU A 56 -4.58 -7.26 7.15
CA LEU A 56 -4.21 -8.04 8.31
C LEU A 56 -5.45 -8.63 8.99
N GLU A 57 -5.26 -9.76 9.67
CA GLU A 57 -6.37 -10.42 10.36
C GLU A 57 -6.41 -9.99 11.83
N LEU A 58 -7.55 -10.26 12.47
CA LEU A 58 -7.73 -9.91 13.88
C LEU A 58 -6.69 -10.60 14.75
N GLU A 59 -5.80 -9.81 15.34
CA GLU A 59 -4.76 -10.36 16.20
C GLU A 59 -4.96 -9.90 17.64
N HIS A 60 -4.77 -8.61 17.89
CA HIS A 60 -4.92 -8.04 19.22
C HIS A 60 -6.39 -7.73 19.51
N MET A 1 -9.58 -0.79 9.55
CA MET A 1 -10.00 -0.79 8.12
C MET A 1 -9.35 0.36 7.36
N ARG A 2 -8.15 0.74 7.78
CA ARG A 2 -7.43 1.84 7.13
C ARG A 2 -5.95 1.50 6.98
N GLN A 3 -5.61 0.23 7.15
CA GLN A 3 -4.22 -0.21 7.03
C GLN A 3 -4.14 -1.68 6.60
N CYS A 4 -3.15 -1.99 5.78
CA CYS A 4 -2.95 -3.35 5.30
C CYS A 4 -1.47 -3.63 5.06
N LYS A 5 -1.12 -4.91 4.97
CA LYS A 5 0.26 -5.30 4.75
C LYS A 5 0.40 -6.24 3.55
N VAL A 6 1.25 -5.86 2.62
CA VAL A 6 1.50 -6.64 1.40
C VAL A 6 2.12 -7.99 1.73
N LEU A 7 1.74 -9.02 0.97
CA LEU A 7 2.27 -10.36 1.17
C LEU A 7 3.40 -10.66 0.18
N PHE A 8 3.37 -9.99 -0.96
CA PHE A 8 4.39 -10.20 -1.99
C PHE A 8 5.22 -8.93 -2.19
N GLU A 9 6.19 -8.99 -3.09
CA GLU A 9 7.06 -7.85 -3.38
C GLU A 9 6.55 -7.07 -4.58
N TYR A 10 6.78 -5.76 -4.58
CA TYR A 10 6.34 -4.90 -5.68
C TYR A 10 7.51 -4.09 -6.23
N ILE A 11 7.52 -3.90 -7.54
CA ILE A 11 8.57 -3.14 -8.20
C ILE A 11 8.00 -1.99 -9.02
N PRO A 12 8.16 -0.74 -8.55
CA PRO A 12 7.64 0.44 -9.27
C PRO A 12 8.53 0.84 -10.43
N GLN A 13 8.02 1.73 -11.28
CA GLN A 13 8.76 2.19 -12.44
C GLN A 13 8.49 3.68 -12.71
N ASN A 14 8.13 4.40 -11.65
CA ASN A 14 7.84 5.83 -11.77
C ASN A 14 7.90 6.51 -10.41
N GLU A 15 8.00 7.84 -10.43
CA GLU A 15 8.09 8.62 -9.20
C GLU A 15 6.78 8.55 -8.42
N ASP A 16 5.69 8.19 -9.11
CA ASP A 16 4.38 8.08 -8.48
C ASP A 16 4.08 6.65 -8.08
N GLU A 17 5.12 5.91 -7.73
CA GLU A 17 4.96 4.51 -7.32
C GLU A 17 5.94 4.16 -6.20
N LEU A 18 5.41 3.62 -5.11
CA LEU A 18 6.24 3.24 -3.98
C LEU A 18 6.55 1.75 -4.00
N GLU A 19 7.68 1.36 -3.42
CA GLU A 19 8.09 -0.03 -3.39
C GLU A 19 7.47 -0.75 -2.19
N LEU A 20 6.49 -1.61 -2.46
CA LEU A 20 5.81 -2.37 -1.42
C LEU A 20 6.62 -3.59 -1.02
N LYS A 21 7.33 -3.49 0.11
CA LYS A 21 8.15 -4.59 0.59
C LYS A 21 7.31 -5.56 1.42
N VAL A 22 7.67 -6.84 1.36
CA VAL A 22 6.96 -7.88 2.09
C VAL A 22 7.06 -7.64 3.59
N GLY A 23 5.92 -7.65 4.27
CA GLY A 23 5.91 -7.44 5.71
C GLY A 23 5.75 -5.97 6.09
N ASP A 24 5.77 -5.09 5.10
CA ASP A 24 5.62 -3.66 5.35
C ASP A 24 4.16 -3.25 5.34
N ILE A 25 3.82 -2.30 6.20
CA ILE A 25 2.45 -1.80 6.30
C ILE A 25 2.35 -0.35 5.85
N ILE A 26 1.24 -0.02 5.19
CA ILE A 26 1.03 1.34 4.70
C ILE A 26 -0.36 1.83 5.05
N ASP A 27 -0.46 3.10 5.45
CA ASP A 27 -1.75 3.70 5.82
C ASP A 27 -2.32 4.48 4.64
N ILE A 28 -3.52 4.10 4.22
CA ILE A 28 -4.19 4.76 3.10
C ILE A 28 -4.74 6.12 3.52
N ASN A 29 -4.43 7.15 2.73
CA ASN A 29 -4.89 8.50 3.03
C ASN A 29 -6.21 8.80 2.32
N GLU A 30 -6.27 8.44 1.04
CA GLU A 30 -7.48 8.66 0.25
C GLU A 30 -7.46 7.80 -1.01
N GLU A 31 -8.56 7.09 -1.25
CA GLU A 31 -8.67 6.24 -2.43
C GLU A 31 -9.06 7.05 -3.66
N VAL A 32 -8.60 6.60 -4.82
CA VAL A 32 -8.91 7.29 -6.07
C VAL A 32 -9.99 6.56 -6.85
N GLU A 33 -9.74 5.30 -7.17
CA GLU A 33 -10.72 4.50 -7.91
C GLU A 33 -10.35 3.02 -7.86
N GLU A 34 -11.17 2.19 -8.48
CA GLU A 34 -10.94 0.75 -8.51
C GLU A 34 -9.71 0.42 -9.36
N GLY A 35 -8.53 0.69 -8.82
CA GLY A 35 -7.30 0.42 -9.54
C GLY A 35 -6.07 0.87 -8.78
N TRP A 36 -5.93 2.19 -8.62
CA TRP A 36 -4.80 2.76 -7.91
C TRP A 36 -5.20 3.22 -6.51
N TRP A 37 -4.36 2.91 -5.53
CA TRP A 37 -4.63 3.29 -4.15
C TRP A 37 -3.49 4.14 -3.58
N SER A 38 -3.77 4.85 -2.50
CA SER A 38 -2.77 5.69 -1.86
C SER A 38 -2.35 5.12 -0.52
N GLY A 39 -1.14 5.46 -0.07
CA GLY A 39 -0.64 4.97 1.19
C GLY A 39 0.47 5.83 1.75
N THR A 40 0.67 5.75 3.06
CA THR A 40 1.70 6.54 3.74
C THR A 40 2.39 5.71 4.81
N LEU A 41 3.70 5.89 4.94
CA LEU A 41 4.48 5.16 5.94
C LEU A 41 4.87 6.08 7.10
N ASN A 42 5.45 7.22 6.78
CA ASN A 42 5.88 8.18 7.79
C ASN A 42 5.94 9.59 7.20
N ASN A 43 6.95 9.84 6.38
CA ASN A 43 7.11 11.14 5.75
C ASN A 43 6.94 11.06 4.24
N LYS A 44 7.06 9.85 3.70
CA LYS A 44 6.91 9.64 2.26
C LYS A 44 5.50 9.23 1.90
N LEU A 45 5.03 9.65 0.74
CA LEU A 45 3.68 9.32 0.27
C LEU A 45 3.70 8.84 -1.17
N GLY A 46 3.19 7.64 -1.40
CA GLY A 46 3.16 7.08 -2.73
C GLY A 46 1.93 6.24 -3.00
N LEU A 47 1.69 5.91 -4.26
CA LEU A 47 0.54 5.11 -4.64
C LEU A 47 0.98 3.84 -5.36
N PHE A 48 0.10 2.83 -5.37
CA PHE A 48 0.39 1.56 -6.02
C PHE A 48 -0.88 0.73 -6.18
N PRO A 49 -0.80 -0.34 -7.00
CA PRO A 49 -1.96 -1.22 -7.23
C PRO A 49 -2.50 -1.83 -5.94
N SER A 50 -3.77 -1.59 -5.66
CA SER A 50 -4.41 -2.13 -4.46
C SER A 50 -4.48 -3.65 -4.49
N ASN A 51 -4.34 -4.22 -5.69
CA ASN A 51 -4.39 -5.67 -5.85
C ASN A 51 -3.25 -6.34 -5.09
N PHE A 52 -2.14 -5.64 -4.93
CA PHE A 52 -0.99 -6.18 -4.22
C PHE A 52 -1.27 -6.27 -2.73
N VAL A 53 -0.99 -5.17 -1.99
CA VAL A 53 -1.21 -5.09 -0.54
C VAL A 53 -2.13 -6.18 0.00
N LYS A 54 -1.85 -6.64 1.21
CA LYS A 54 -2.68 -7.67 1.83
C LYS A 54 -3.28 -7.19 3.16
N GLU A 55 -4.60 -7.23 3.25
CA GLU A 55 -5.30 -6.81 4.46
C GLU A 55 -4.90 -7.66 5.65
N LEU A 56 -4.62 -7.02 6.78
CA LEU A 56 -4.22 -7.73 7.98
C LEU A 56 -5.38 -7.80 8.98
N GLU A 57 -5.81 -9.03 9.28
CA GLU A 57 -6.91 -9.23 10.22
C GLU A 57 -6.40 -9.88 11.51
N LEU A 58 -5.38 -10.72 11.38
CA LEU A 58 -4.81 -11.39 12.54
C LEU A 58 -4.29 -10.39 13.57
N GLU A 59 -4.64 -10.62 14.83
CA GLU A 59 -4.21 -9.74 15.91
C GLU A 59 -3.93 -10.53 17.18
N HIS A 60 -3.29 -11.68 17.03
CA HIS A 60 -2.96 -12.53 18.17
C HIS A 60 -4.23 -12.99 18.89
N MET A 1 -6.49 4.47 11.53
CA MET A 1 -7.85 4.45 10.90
C MET A 1 -8.02 3.25 9.99
N ARG A 2 -7.02 2.99 9.16
CA ARG A 2 -7.06 1.86 8.23
C ARG A 2 -5.69 1.63 7.59
N GLN A 3 -5.10 0.49 7.86
CA GLN A 3 -3.79 0.14 7.31
C GLN A 3 -3.77 -1.29 6.78
N CYS A 4 -2.90 -1.54 5.81
CA CYS A 4 -2.79 -2.87 5.21
C CYS A 4 -1.34 -3.14 4.77
N LYS A 5 -0.93 -4.40 4.85
CA LYS A 5 0.42 -4.78 4.45
C LYS A 5 0.39 -5.75 3.27
N VAL A 6 1.12 -5.41 2.22
CA VAL A 6 1.19 -6.23 1.02
C VAL A 6 1.77 -7.61 1.33
N LEU A 7 1.24 -8.61 0.64
CA LEU A 7 1.69 -10.00 0.83
C LEU A 7 2.78 -10.38 -0.16
N PHE A 8 2.83 -9.69 -1.30
CA PHE A 8 3.83 -9.97 -2.32
C PHE A 8 4.79 -8.80 -2.49
N GLU A 9 5.76 -8.96 -3.38
CA GLU A 9 6.74 -7.92 -3.64
C GLU A 9 6.41 -7.14 -4.91
N TYR A 10 6.92 -5.92 -5.00
CA TYR A 10 6.68 -5.07 -6.16
C TYR A 10 7.86 -4.15 -6.42
N ILE A 11 8.14 -3.90 -7.71
CA ILE A 11 9.25 -3.04 -8.09
C ILE A 11 8.75 -1.83 -8.89
N PRO A 12 8.76 -0.63 -8.27
CA PRO A 12 8.30 0.60 -8.95
C PRO A 12 9.29 1.09 -9.99
N GLN A 13 9.08 2.31 -10.46
CA GLN A 13 9.96 2.89 -11.47
C GLN A 13 9.69 4.39 -11.63
N ASN A 14 8.41 4.76 -11.66
CA ASN A 14 8.01 6.15 -11.81
C ASN A 14 7.99 6.85 -10.45
N GLU A 15 8.04 8.18 -10.49
CA GLU A 15 8.03 8.98 -9.26
C GLU A 15 6.75 8.74 -8.47
N ASP A 16 5.68 8.41 -9.18
CA ASP A 16 4.39 8.15 -8.53
C ASP A 16 4.19 6.66 -8.27
N GLU A 17 5.25 6.01 -7.78
CA GLU A 17 5.18 4.58 -7.48
C GLU A 17 5.99 4.25 -6.23
N LEU A 18 5.35 3.58 -5.28
CA LEU A 18 6.00 3.20 -4.03
C LEU A 18 6.40 1.73 -4.06
N GLU A 19 7.28 1.35 -3.14
CA GLU A 19 7.75 -0.03 -3.06
C GLU A 19 6.88 -0.84 -2.12
N LEU A 20 6.06 -1.72 -2.69
CA LEU A 20 5.17 -2.57 -1.90
C LEU A 20 5.91 -3.81 -1.39
N LYS A 21 6.69 -3.64 -0.33
CA LYS A 21 7.45 -4.75 0.25
C LYS A 21 6.55 -5.62 1.11
N VAL A 22 6.78 -6.93 1.06
CA VAL A 22 5.99 -7.87 1.84
C VAL A 22 6.20 -7.66 3.33
N GLY A 23 5.09 -7.54 4.07
CA GLY A 23 5.19 -7.32 5.50
C GLY A 23 5.20 -5.86 5.88
N ASP A 24 5.27 -4.98 4.88
CA ASP A 24 5.29 -3.54 5.13
C ASP A 24 3.88 -2.97 5.22
N ILE A 25 3.61 -2.22 6.28
CA ILE A 25 2.29 -1.62 6.46
C ILE A 25 2.24 -0.19 5.94
N ILE A 26 1.22 0.09 5.13
CA ILE A 26 1.05 1.43 4.57
C ILE A 26 -0.35 1.96 4.84
N ASP A 27 -0.43 3.07 5.55
CA ASP A 27 -1.72 3.68 5.89
C ASP A 27 -2.35 4.34 4.67
N ILE A 28 -3.54 3.87 4.30
CA ILE A 28 -4.26 4.42 3.16
C ILE A 28 -5.12 5.59 3.59
N ASN A 29 -4.93 6.74 2.93
CA ASN A 29 -5.69 7.95 3.26
C ASN A 29 -6.76 8.23 2.21
N GLU A 30 -6.40 8.14 0.94
CA GLU A 30 -7.34 8.39 -0.14
C GLU A 30 -7.41 7.20 -1.11
N GLU A 31 -8.59 7.00 -1.69
CA GLU A 31 -8.79 5.92 -2.63
C GLU A 31 -9.04 6.45 -4.03
N VAL A 32 -8.05 6.30 -4.90
CA VAL A 32 -8.15 6.78 -6.28
C VAL A 32 -9.25 6.03 -7.04
N GLU A 33 -9.19 4.69 -6.98
CA GLU A 33 -10.17 3.87 -7.66
C GLU A 33 -9.95 2.39 -7.35
N GLU A 34 -10.69 1.52 -8.04
CA GLU A 34 -10.57 0.09 -7.84
C GLU A 34 -9.40 -0.48 -8.64
N GLY A 35 -8.20 0.05 -8.38
CA GLY A 35 -7.02 -0.42 -9.09
C GLY A 35 -5.74 0.10 -8.46
N TRP A 36 -5.70 1.40 -8.19
CA TRP A 36 -4.54 2.02 -7.58
C TRP A 36 -4.92 2.80 -6.33
N TRP A 37 -4.28 2.45 -5.21
CA TRP A 37 -4.55 3.11 -3.94
C TRP A 37 -3.35 3.91 -3.47
N SER A 38 -3.60 4.88 -2.60
CA SER A 38 -2.54 5.73 -2.07
C SER A 38 -2.34 5.48 -0.58
N GLY A 39 -1.09 5.55 -0.12
CA GLY A 39 -0.79 5.32 1.27
C GLY A 39 0.48 6.02 1.72
N THR A 40 0.81 5.88 3.00
CA THR A 40 2.01 6.51 3.55
C THR A 40 2.77 5.53 4.43
N LEU A 41 4.09 5.56 4.33
CA LEU A 41 4.95 4.68 5.12
C LEU A 41 5.33 5.32 6.45
N ASN A 42 6.30 6.22 6.40
CA ASN A 42 6.76 6.91 7.61
C ASN A 42 6.50 8.42 7.52
N ASN A 43 6.26 8.91 6.31
CA ASN A 43 6.01 10.34 6.10
C ASN A 43 5.72 10.65 4.64
N LYS A 44 6.38 9.91 3.74
CA LYS A 44 6.20 10.11 2.31
C LYS A 44 5.01 9.30 1.79
N LEU A 45 4.22 9.92 0.91
CA LEU A 45 3.05 9.25 0.35
C LEU A 45 3.33 8.80 -1.09
N GLY A 46 2.72 7.68 -1.47
CA GLY A 46 2.92 7.16 -2.82
C GLY A 46 1.68 6.43 -3.32
N LEU A 47 1.73 5.99 -4.57
CA LEU A 47 0.61 5.27 -5.18
C LEU A 47 1.08 3.97 -5.81
N PHE A 48 0.20 2.96 -5.80
CA PHE A 48 0.53 1.66 -6.38
C PHE A 48 -0.73 0.82 -6.53
N PRO A 49 -0.65 -0.31 -7.27
CA PRO A 49 -1.79 -1.20 -7.51
C PRO A 49 -2.38 -1.71 -6.20
N SER A 50 -3.67 -1.42 -5.99
CA SER A 50 -4.36 -1.86 -4.78
C SER A 50 -4.48 -3.38 -4.72
N ASN A 51 -4.33 -4.03 -5.87
CA ASN A 51 -4.42 -5.48 -5.94
C ASN A 51 -3.32 -6.15 -5.11
N PHE A 52 -2.25 -5.41 -4.83
CA PHE A 52 -1.14 -5.95 -4.04
C PHE A 52 -1.50 -5.96 -2.56
N VAL A 53 -1.40 -4.79 -1.93
CA VAL A 53 -1.70 -4.61 -0.50
C VAL A 53 -2.49 -5.76 0.11
N LYS A 54 -2.21 -6.06 1.38
CA LYS A 54 -2.91 -7.13 2.08
C LYS A 54 -3.32 -6.69 3.48
N GLU A 55 -4.63 -6.68 3.72
CA GLU A 55 -5.17 -6.29 5.01
C GLU A 55 -4.78 -7.29 6.09
N LEU A 56 -4.37 -6.77 7.25
CA LEU A 56 -3.96 -7.63 8.36
C LEU A 56 -5.16 -8.34 8.98
N GLU A 57 -4.91 -9.14 10.00
CA GLU A 57 -5.97 -9.89 10.67
C GLU A 57 -5.68 -10.01 12.17
N LEU A 58 -6.64 -9.58 12.98
CA LEU A 58 -6.49 -9.64 14.43
C LEU A 58 -7.83 -9.94 15.10
N GLU A 59 -8.69 -10.67 14.41
CA GLU A 59 -9.99 -11.02 14.94
C GLU A 59 -10.38 -12.44 14.56
N HIS A 60 -11.00 -13.15 15.49
CA HIS A 60 -11.41 -14.53 15.25
C HIS A 60 -12.81 -14.58 14.64
N MET A 1 -6.44 5.24 10.44
CA MET A 1 -7.54 4.32 10.83
C MET A 1 -7.39 2.96 10.16
N ARG A 2 -7.47 2.96 8.83
CA ARG A 2 -7.35 1.72 8.06
C ARG A 2 -5.88 1.37 7.82
N GLN A 3 -5.54 0.10 8.00
CA GLN A 3 -4.18 -0.36 7.80
C GLN A 3 -4.16 -1.73 7.12
N CYS A 4 -3.17 -1.94 6.25
CA CYS A 4 -3.05 -3.20 5.53
C CYS A 4 -1.58 -3.53 5.27
N LYS A 5 -1.27 -4.82 5.24
CA LYS A 5 0.10 -5.27 4.98
C LYS A 5 0.15 -6.09 3.70
N VAL A 6 1.02 -5.67 2.79
CA VAL A 6 1.20 -6.34 1.51
C VAL A 6 1.78 -7.74 1.68
N LEU A 7 1.34 -8.67 0.84
CA LEU A 7 1.81 -10.05 0.89
C LEU A 7 2.93 -10.28 -0.12
N PHE A 8 2.94 -9.47 -1.18
CA PHE A 8 3.96 -9.58 -2.22
C PHE A 8 4.84 -8.34 -2.26
N GLU A 9 5.82 -8.33 -3.16
CA GLU A 9 6.72 -7.20 -3.29
C GLU A 9 6.40 -6.37 -4.54
N TYR A 10 6.78 -5.10 -4.51
CA TYR A 10 6.54 -4.19 -5.63
C TYR A 10 7.78 -3.38 -5.95
N ILE A 11 8.01 -3.13 -7.23
CA ILE A 11 9.17 -2.36 -7.67
C ILE A 11 8.74 -1.10 -8.41
N PRO A 12 8.90 0.09 -7.78
CA PRO A 12 8.53 1.36 -8.39
C PRO A 12 9.57 1.85 -9.39
N GLN A 13 9.18 2.81 -10.22
CA GLN A 13 10.08 3.35 -11.24
C GLN A 13 9.47 4.60 -11.88
N ASN A 14 8.73 5.37 -11.09
CA ASN A 14 8.09 6.58 -11.59
C ASN A 14 7.92 7.60 -10.47
N GLU A 15 7.47 8.80 -10.83
CA GLU A 15 7.26 9.87 -9.85
C GLU A 15 6.12 9.52 -8.90
N ASP A 16 5.15 8.76 -9.40
CA ASP A 16 4.00 8.37 -8.60
C ASP A 16 3.99 6.86 -8.39
N GLU A 17 5.07 6.33 -7.83
CA GLU A 17 5.18 4.89 -7.59
C GLU A 17 5.93 4.63 -6.28
N LEU A 18 5.26 3.94 -5.35
CA LEU A 18 5.85 3.61 -4.06
C LEU A 18 6.39 2.19 -4.05
N GLU A 19 7.24 1.89 -3.08
CA GLU A 19 7.83 0.56 -2.96
C GLU A 19 7.20 -0.21 -1.81
N LEU A 20 6.37 -1.20 -2.14
CA LEU A 20 5.70 -2.01 -1.14
C LEU A 20 6.53 -3.24 -0.79
N LYS A 21 6.93 -3.35 0.47
CA LYS A 21 7.73 -4.48 0.92
C LYS A 21 6.86 -5.54 1.59
N VAL A 22 7.14 -6.81 1.28
CA VAL A 22 6.38 -7.91 1.86
C VAL A 22 6.55 -7.96 3.37
N GLY A 23 5.42 -8.03 4.08
CA GLY A 23 5.47 -8.08 5.53
C GLY A 23 5.38 -6.71 6.18
N ASP A 24 5.38 -5.65 5.36
CA ASP A 24 5.30 -4.29 5.88
C ASP A 24 3.88 -3.76 5.79
N ILE A 25 3.55 -2.80 6.67
CA ILE A 25 2.22 -2.21 6.70
C ILE A 25 2.25 -0.80 6.13
N ILE A 26 1.19 -0.43 5.41
CA ILE A 26 1.09 0.90 4.82
C ILE A 26 -0.25 1.54 5.15
N ASP A 27 -0.21 2.79 5.58
CA ASP A 27 -1.43 3.52 5.93
C ASP A 27 -2.02 4.21 4.70
N ILE A 28 -3.28 3.93 4.42
CA ILE A 28 -3.95 4.52 3.26
C ILE A 28 -4.29 5.99 3.52
N ASN A 29 -3.90 6.84 2.58
CA ASN A 29 -4.16 8.27 2.70
C ASN A 29 -5.42 8.67 1.96
N GLU A 30 -5.63 8.08 0.79
CA GLU A 30 -6.80 8.36 -0.03
C GLU A 30 -6.94 7.34 -1.16
N GLU A 31 -8.14 6.81 -1.31
CA GLU A 31 -8.42 5.82 -2.34
C GLU A 31 -8.53 6.48 -3.72
N VAL A 32 -7.63 6.12 -4.61
CA VAL A 32 -7.62 6.69 -5.96
C VAL A 32 -8.87 6.28 -6.73
N GLU A 33 -8.98 4.98 -7.03
CA GLU A 33 -10.12 4.46 -7.76
C GLU A 33 -10.23 2.95 -7.60
N GLU A 34 -11.22 2.35 -8.27
CA GLU A 34 -11.42 0.92 -8.19
C GLU A 34 -10.29 0.16 -8.88
N GLY A 35 -9.14 0.08 -8.21
CA GLY A 35 -8.00 -0.61 -8.78
C GLY A 35 -6.69 -0.13 -8.19
N TRP A 36 -6.56 1.18 -8.04
CA TRP A 36 -5.34 1.77 -7.49
C TRP A 36 -5.58 2.35 -6.11
N TRP A 37 -4.71 2.04 -5.17
CA TRP A 37 -4.83 2.52 -3.80
C TRP A 37 -3.61 3.35 -3.40
N SER A 38 -3.76 4.14 -2.34
CA SER A 38 -2.68 4.99 -1.87
C SER A 38 -2.16 4.49 -0.52
N GLY A 39 -0.93 4.86 -0.20
CA GLY A 39 -0.33 4.44 1.06
C GLY A 39 0.80 5.35 1.50
N THR A 40 0.89 5.60 2.80
CA THR A 40 1.94 6.46 3.35
C THR A 40 2.92 5.64 4.18
N LEU A 41 4.20 5.92 4.01
CA LEU A 41 5.24 5.22 4.76
C LEU A 41 6.50 6.08 4.89
N ASN A 42 6.88 6.38 6.12
CA ASN A 42 8.06 7.19 6.39
C ASN A 42 7.90 8.59 5.80
N ASN A 43 6.70 9.15 5.95
CA ASN A 43 6.40 10.49 5.44
C ASN A 43 6.55 10.53 3.92
N LYS A 44 6.23 9.41 3.27
CA LYS A 44 6.32 9.32 1.82
C LYS A 44 5.02 8.81 1.22
N LEU A 45 4.49 9.55 0.26
CA LEU A 45 3.23 9.17 -0.40
C LEU A 45 3.50 8.63 -1.80
N GLY A 46 2.68 7.68 -2.23
CA GLY A 46 2.84 7.09 -3.54
C GLY A 46 1.59 6.37 -4.01
N LEU A 47 1.69 5.68 -5.14
CA LEU A 47 0.56 4.95 -5.70
C LEU A 47 0.99 3.56 -6.17
N PHE A 48 0.08 2.60 -6.09
CA PHE A 48 0.37 1.24 -6.51
C PHE A 48 -0.92 0.43 -6.66
N PRO A 49 -0.90 -0.65 -7.45
CA PRO A 49 -2.07 -1.50 -7.68
C PRO A 49 -2.61 -2.10 -6.38
N SER A 50 -3.94 -2.08 -6.25
CA SER A 50 -4.59 -2.62 -5.06
C SER A 50 -4.38 -4.13 -4.93
N ASN A 51 -4.02 -4.77 -6.04
CA ASN A 51 -3.80 -6.21 -6.05
C ASN A 51 -2.65 -6.60 -5.12
N PHE A 52 -1.81 -5.63 -4.75
CA PHE A 52 -0.69 -5.91 -3.87
C PHE A 52 -1.14 -5.90 -2.40
N VAL A 53 -1.03 -4.75 -1.73
CA VAL A 53 -1.43 -4.59 -0.33
C VAL A 53 -2.36 -5.71 0.17
N LYS A 54 -2.21 -6.09 1.43
CA LYS A 54 -3.04 -7.14 1.99
C LYS A 54 -3.60 -6.73 3.37
N GLU A 55 -4.92 -6.61 3.45
CA GLU A 55 -5.57 -6.23 4.70
C GLU A 55 -5.49 -7.36 5.72
N LEU A 56 -5.18 -7.01 6.97
CA LEU A 56 -5.07 -7.99 8.04
C LEU A 56 -6.38 -8.11 8.80
N GLU A 57 -6.52 -9.18 9.58
CA GLU A 57 -7.73 -9.40 10.36
C GLU A 57 -7.46 -9.20 11.84
N LEU A 58 -8.53 -8.95 12.60
CA LEU A 58 -8.41 -8.73 14.05
C LEU A 58 -9.14 -9.82 14.83
N GLU A 59 -9.20 -11.02 14.24
CA GLU A 59 -9.87 -12.14 14.88
C GLU A 59 -9.74 -13.40 14.04
N HIS A 60 -10.41 -14.46 14.46
CA HIS A 60 -10.37 -15.74 13.74
C HIS A 60 -11.45 -16.68 14.25
N MET A 1 -5.99 2.75 12.79
CA MET A 1 -7.21 3.09 12.01
C MET A 1 -6.99 2.90 10.52
N ARG A 2 -7.62 1.88 9.96
CA ARG A 2 -7.49 1.59 8.52
C ARG A 2 -6.04 1.30 8.17
N GLN A 3 -5.63 0.05 8.34
CA GLN A 3 -4.27 -0.36 8.04
C GLN A 3 -4.26 -1.69 7.30
N CYS A 4 -3.31 -1.83 6.37
CA CYS A 4 -3.18 -3.05 5.58
C CYS A 4 -1.72 -3.32 5.25
N LYS A 5 -1.33 -4.59 5.26
CA LYS A 5 0.05 -4.96 4.95
C LYS A 5 0.13 -5.83 3.69
N VAL A 6 0.95 -5.41 2.75
CA VAL A 6 1.15 -6.11 1.49
C VAL A 6 1.72 -7.50 1.72
N LEU A 7 1.29 -8.47 0.91
CA LEU A 7 1.77 -9.84 1.02
C LEU A 7 2.92 -10.11 0.06
N PHE A 8 3.00 -9.32 -1.01
CA PHE A 8 4.06 -9.48 -2.00
C PHE A 8 4.92 -8.22 -2.11
N GLU A 9 5.92 -8.28 -2.98
CA GLU A 9 6.83 -7.15 -3.17
C GLU A 9 6.56 -6.48 -4.52
N TYR A 10 6.68 -5.14 -4.54
CA TYR A 10 6.45 -4.38 -5.76
C TYR A 10 7.60 -3.40 -6.01
N ILE A 11 7.94 -3.21 -7.28
CA ILE A 11 9.02 -2.30 -7.64
C ILE A 11 8.49 -1.15 -8.50
N PRO A 12 8.50 0.08 -7.96
CA PRO A 12 8.02 1.27 -8.70
C PRO A 12 8.98 1.68 -9.81
N GLN A 13 8.55 2.65 -10.61
CA GLN A 13 9.36 3.14 -11.72
C GLN A 13 9.02 4.59 -12.06
N ASN A 14 8.52 5.31 -11.07
CA ASN A 14 8.14 6.71 -11.27
C ASN A 14 8.04 7.44 -9.94
N GLU A 15 8.07 8.77 -9.99
CA GLU A 15 7.98 9.58 -8.78
C GLU A 15 6.64 9.37 -8.07
N ASP A 16 5.62 9.03 -8.85
CA ASP A 16 4.28 8.79 -8.30
C ASP A 16 4.04 7.30 -8.09
N GLU A 17 5.11 6.56 -7.80
CA GLU A 17 5.00 5.13 -7.57
C GLU A 17 5.72 4.72 -6.29
N LEU A 18 5.00 4.04 -5.41
CA LEU A 18 5.56 3.60 -4.14
C LEU A 18 6.00 2.15 -4.22
N GLU A 19 6.86 1.74 -3.29
CA GLU A 19 7.36 0.37 -3.26
C GLU A 19 6.65 -0.45 -2.19
N LEU A 20 5.77 -1.35 -2.63
CA LEU A 20 5.03 -2.21 -1.71
C LEU A 20 5.90 -3.37 -1.24
N LYS A 21 6.67 -3.14 -0.18
CA LYS A 21 7.55 -4.16 0.36
C LYS A 21 6.77 -5.14 1.24
N VAL A 22 6.91 -6.43 0.95
CA VAL A 22 6.22 -7.47 1.71
C VAL A 22 6.60 -7.41 3.17
N GLY A 23 5.60 -7.46 4.05
CA GLY A 23 5.86 -7.42 5.47
C GLY A 23 5.86 -6.01 6.03
N ASP A 24 5.75 -5.01 5.14
CA ASP A 24 5.75 -3.62 5.56
C ASP A 24 4.32 -3.11 5.74
N ILE A 25 4.13 -2.28 6.77
CA ILE A 25 2.80 -1.74 7.06
C ILE A 25 2.63 -0.36 6.45
N ILE A 26 1.59 -0.20 5.64
CA ILE A 26 1.32 1.08 4.98
C ILE A 26 -0.01 1.65 5.45
N ASP A 27 -0.04 2.96 5.70
CA ASP A 27 -1.24 3.63 6.16
C ASP A 27 -2.04 4.18 4.98
N ILE A 28 -3.27 3.70 4.84
CA ILE A 28 -4.14 4.15 3.76
C ILE A 28 -4.90 5.41 4.15
N ASN A 29 -4.84 6.42 3.28
CA ASN A 29 -5.53 7.68 3.54
C ASN A 29 -6.69 7.89 2.57
N GLU A 30 -6.46 7.63 1.29
CA GLU A 30 -7.49 7.78 0.28
C GLU A 30 -7.43 6.65 -0.74
N GLU A 31 -8.59 6.25 -1.25
CA GLU A 31 -8.67 5.18 -2.22
C GLU A 31 -8.83 5.75 -3.64
N VAL A 32 -7.83 5.55 -4.48
CA VAL A 32 -7.87 6.05 -5.84
C VAL A 32 -9.04 5.45 -6.61
N GLU A 33 -8.97 4.14 -6.86
CA GLU A 33 -10.02 3.45 -7.59
C GLU A 33 -9.79 1.93 -7.56
N GLU A 34 -10.67 1.20 -8.23
CA GLU A 34 -10.57 -0.26 -8.28
C GLU A 34 -9.37 -0.68 -9.11
N GLY A 35 -8.18 -0.55 -8.55
CA GLY A 35 -6.96 -0.91 -9.26
C GLY A 35 -5.72 -0.29 -8.67
N TRP A 36 -5.88 0.89 -8.06
CA TRP A 36 -4.77 1.60 -7.45
C TRP A 36 -5.15 2.13 -6.08
N TRP A 37 -4.22 2.03 -5.13
CA TRP A 37 -4.46 2.51 -3.77
C TRP A 37 -3.39 3.51 -3.34
N SER A 38 -3.73 4.36 -2.39
CA SER A 38 -2.80 5.37 -1.89
C SER A 38 -2.45 5.10 -0.42
N GLY A 39 -1.16 5.21 -0.10
CA GLY A 39 -0.72 4.99 1.26
C GLY A 39 0.59 5.68 1.57
N THR A 40 1.15 5.41 2.74
CA THR A 40 2.40 6.01 3.15
C THR A 40 3.19 5.08 4.07
N LEU A 41 4.50 4.96 3.81
CA LEU A 41 5.35 4.10 4.61
C LEU A 41 6.14 4.92 5.63
N ASN A 42 7.17 5.62 5.13
CA ASN A 42 8.00 6.45 6.00
C ASN A 42 8.19 7.84 5.40
N ASN A 43 7.20 8.71 5.61
CA ASN A 43 7.26 10.06 5.09
C ASN A 43 7.36 10.07 3.57
N LYS A 44 6.89 8.99 2.95
CA LYS A 44 6.92 8.87 1.49
C LYS A 44 5.54 8.52 0.95
N LEU A 45 4.97 9.44 0.17
CA LEU A 45 3.65 9.21 -0.42
C LEU A 45 3.76 8.88 -1.90
N GLY A 46 2.88 7.98 -2.36
CA GLY A 46 2.91 7.58 -3.76
C GLY A 46 1.67 6.79 -4.15
N LEU A 47 1.77 6.05 -5.25
CA LEU A 47 0.66 5.25 -5.73
C LEU A 47 1.14 3.87 -6.19
N PHE A 48 0.24 2.89 -6.15
CA PHE A 48 0.57 1.54 -6.57
C PHE A 48 -0.68 0.69 -6.74
N PRO A 49 -0.56 -0.48 -7.38
CA PRO A 49 -1.70 -1.37 -7.61
C PRO A 49 -2.35 -1.82 -6.31
N SER A 50 -3.64 -1.53 -6.16
CA SER A 50 -4.38 -1.91 -4.96
C SER A 50 -4.41 -3.42 -4.80
N ASN A 51 -4.19 -4.14 -5.89
CA ASN A 51 -4.20 -5.61 -5.85
C ASN A 51 -3.10 -6.15 -4.95
N PHE A 52 -2.00 -5.40 -4.84
CA PHE A 52 -0.88 -5.81 -4.01
C PHE A 52 -1.28 -5.82 -2.53
N VAL A 53 -1.10 -4.68 -1.85
CA VAL A 53 -1.43 -4.51 -0.44
C VAL A 53 -2.38 -5.59 0.10
N LYS A 54 -2.20 -5.98 1.35
CA LYS A 54 -3.05 -7.00 1.96
C LYS A 54 -3.59 -6.54 3.30
N GLU A 55 -4.91 -6.40 3.39
CA GLU A 55 -5.56 -5.98 4.63
C GLU A 55 -5.65 -7.15 5.62
N LEU A 56 -5.34 -6.87 6.88
CA LEU A 56 -5.38 -7.89 7.92
C LEU A 56 -6.82 -8.14 8.38
N GLU A 57 -7.32 -7.27 9.26
CA GLU A 57 -8.68 -7.39 9.76
C GLU A 57 -8.90 -8.77 10.40
N LEU A 58 -7.83 -9.32 10.96
CA LEU A 58 -7.90 -10.65 11.59
C LEU A 58 -8.13 -10.52 13.10
N GLU A 59 -7.95 -11.62 13.82
CA GLU A 59 -8.14 -11.65 15.27
C GLU A 59 -9.63 -11.68 15.62
N HIS A 60 -10.26 -12.82 15.35
CA HIS A 60 -11.68 -13.00 15.64
C HIS A 60 -12.17 -14.37 15.17
N MET A 1 -9.16 5.13 10.49
CA MET A 1 -8.18 4.15 11.03
C MET A 1 -8.15 2.88 10.21
N ARG A 2 -7.45 2.91 9.08
CA ARG A 2 -7.36 1.75 8.19
C ARG A 2 -5.91 1.45 7.86
N GLN A 3 -5.55 0.17 7.88
CA GLN A 3 -4.18 -0.25 7.57
C GLN A 3 -4.18 -1.61 6.89
N CYS A 4 -3.24 -1.79 5.95
CA CYS A 4 -3.12 -3.03 5.22
C CYS A 4 -1.66 -3.33 4.89
N LYS A 5 -1.28 -4.60 4.97
CA LYS A 5 0.10 -4.99 4.68
C LYS A 5 0.17 -5.93 3.48
N VAL A 6 0.99 -5.55 2.52
CA VAL A 6 1.20 -6.33 1.30
C VAL A 6 1.88 -7.66 1.61
N LEU A 7 1.51 -8.70 0.86
CA LEU A 7 2.09 -10.02 1.06
C LEU A 7 3.32 -10.22 0.16
N PHE A 8 3.31 -9.57 -1.00
CA PHE A 8 4.42 -9.69 -1.94
C PHE A 8 5.14 -8.36 -2.11
N GLU A 9 6.18 -8.36 -2.93
CA GLU A 9 6.96 -7.15 -3.18
C GLU A 9 6.64 -6.57 -4.56
N TYR A 10 6.90 -5.28 -4.72
CA TYR A 10 6.64 -4.60 -5.98
C TYR A 10 7.84 -3.72 -6.38
N ILE A 11 8.10 -3.66 -7.68
CA ILE A 11 9.21 -2.86 -8.19
C ILE A 11 8.71 -1.57 -8.83
N PRO A 12 8.91 -0.42 -8.17
CA PRO A 12 8.47 0.88 -8.68
C PRO A 12 9.38 1.40 -9.79
N GLN A 13 8.92 2.42 -10.50
CA GLN A 13 9.68 3.01 -11.59
C GLN A 13 8.98 4.23 -12.16
N ASN A 14 8.34 5.00 -11.28
CA ASN A 14 7.61 6.20 -11.70
C ASN A 14 7.81 7.32 -10.68
N GLU A 15 7.46 8.54 -11.09
CA GLU A 15 7.60 9.70 -10.22
C GLU A 15 6.70 9.58 -8.99
N ASP A 16 5.57 8.90 -9.16
CA ASP A 16 4.62 8.71 -8.07
C ASP A 16 4.33 7.23 -7.86
N GLU A 17 5.35 6.48 -7.45
CA GLU A 17 5.20 5.04 -7.21
C GLU A 17 5.99 4.62 -5.97
N LEU A 18 5.30 4.01 -5.02
CA LEU A 18 5.94 3.55 -3.80
C LEU A 18 6.27 2.06 -3.88
N GLU A 19 7.26 1.64 -3.11
CA GLU A 19 7.68 0.25 -3.09
C GLU A 19 6.97 -0.53 -1.99
N LEU A 20 6.02 -1.38 -2.39
CA LEU A 20 5.27 -2.18 -1.44
C LEU A 20 6.00 -3.49 -1.14
N LYS A 21 6.88 -3.46 -0.15
CA LYS A 21 7.64 -4.65 0.23
C LYS A 21 6.80 -5.57 1.11
N VAL A 22 7.18 -6.84 1.15
CA VAL A 22 6.47 -7.83 1.95
C VAL A 22 6.65 -7.56 3.44
N GLY A 23 5.53 -7.51 4.17
CA GLY A 23 5.60 -7.27 5.60
C GLY A 23 5.56 -5.78 5.94
N ASP A 24 5.59 -4.93 4.92
CA ASP A 24 5.56 -3.49 5.14
C ASP A 24 4.13 -3.00 5.39
N ILE A 25 3.97 -2.18 6.43
CA ILE A 25 2.67 -1.63 6.78
C ILE A 25 2.47 -0.25 6.18
N ILE A 26 1.40 -0.09 5.40
CA ILE A 26 1.09 1.18 4.77
C ILE A 26 -0.34 1.61 5.04
N ASP A 27 -0.51 2.85 5.46
CA ASP A 27 -1.83 3.38 5.77
C ASP A 27 -2.36 4.18 4.57
N ILE A 28 -3.57 3.83 4.13
CA ILE A 28 -4.19 4.51 2.99
C ILE A 28 -4.58 5.94 3.36
N ASN A 29 -4.29 6.87 2.46
CA ASN A 29 -4.61 8.28 2.69
C ASN A 29 -5.74 8.74 1.78
N GLU A 30 -5.84 8.13 0.59
CA GLU A 30 -6.88 8.47 -0.36
C GLU A 30 -7.06 7.36 -1.38
N GLU A 31 -8.31 6.94 -1.58
CA GLU A 31 -8.62 5.88 -2.53
C GLU A 31 -8.97 6.47 -3.90
N VAL A 32 -8.19 6.13 -4.91
CA VAL A 32 -8.42 6.63 -6.26
C VAL A 32 -9.73 6.07 -6.83
N GLU A 33 -9.72 4.79 -7.17
CA GLU A 33 -10.90 4.14 -7.73
C GLU A 33 -11.09 2.76 -7.12
N GLU A 34 -10.19 1.83 -7.46
CA GLU A 34 -10.26 0.47 -6.97
C GLU A 34 -8.98 -0.29 -7.31
N GLY A 35 -8.50 -0.11 -8.53
CA GLY A 35 -7.29 -0.78 -8.96
C GLY A 35 -6.03 -0.09 -8.47
N TRP A 36 -6.14 1.22 -8.24
CA TRP A 36 -5.00 2.00 -7.76
C TRP A 36 -5.32 2.63 -6.41
N TRP A 37 -4.58 2.22 -5.37
CA TRP A 37 -4.79 2.74 -4.03
C TRP A 37 -3.58 3.57 -3.57
N SER A 38 -3.81 4.39 -2.55
CA SER A 38 -2.75 5.23 -2.00
C SER A 38 -2.32 4.75 -0.63
N GLY A 39 -1.10 5.11 -0.22
CA GLY A 39 -0.60 4.70 1.07
C GLY A 39 0.40 5.69 1.64
N THR A 40 0.69 5.55 2.94
CA THR A 40 1.63 6.43 3.60
C THR A 40 2.10 5.83 4.93
N LEU A 41 3.31 5.27 4.93
CA LEU A 41 3.87 4.66 6.13
C LEU A 41 4.31 5.73 7.12
N ASN A 42 5.36 6.47 6.77
CA ASN A 42 5.87 7.52 7.64
C ASN A 42 6.29 8.74 6.81
N ASN A 43 7.27 8.54 5.93
CA ASN A 43 7.76 9.63 5.09
C ASN A 43 7.86 9.17 3.63
N LYS A 44 6.97 8.27 3.23
CA LYS A 44 6.95 7.76 1.87
C LYS A 44 5.56 7.88 1.26
N LEU A 45 5.46 8.70 0.21
CA LEU A 45 4.18 8.91 -0.47
C LEU A 45 4.25 8.42 -1.92
N GLY A 46 3.27 7.61 -2.31
CA GLY A 46 3.24 7.10 -3.67
C GLY A 46 1.99 6.28 -3.95
N LEU A 47 1.75 5.98 -5.22
CA LEU A 47 0.59 5.21 -5.61
C LEU A 47 1.00 3.85 -6.18
N PHE A 48 0.12 2.87 -6.05
CA PHE A 48 0.40 1.52 -6.54
C PHE A 48 -0.89 0.71 -6.66
N PRO A 49 -0.83 -0.43 -7.38
CA PRO A 49 -2.00 -1.29 -7.57
C PRO A 49 -2.60 -1.78 -6.26
N SER A 50 -3.89 -1.56 -6.08
CA SER A 50 -4.60 -1.96 -4.87
C SER A 50 -4.55 -3.48 -4.69
N ASN A 51 -4.28 -4.20 -5.77
CA ASN A 51 -4.22 -5.65 -5.73
C ASN A 51 -3.10 -6.13 -4.80
N PHE A 52 -2.09 -5.28 -4.61
CA PHE A 52 -0.97 -5.63 -3.74
C PHE A 52 -1.42 -5.64 -2.28
N VAL A 53 -1.27 -4.48 -1.60
CA VAL A 53 -1.65 -4.32 -0.19
C VAL A 53 -2.59 -5.42 0.31
N LYS A 54 -2.43 -5.79 1.58
CA LYS A 54 -3.29 -6.82 2.16
C LYS A 54 -3.74 -6.45 3.57
N GLU A 55 -5.05 -6.27 3.74
CA GLU A 55 -5.61 -5.92 5.04
C GLU A 55 -5.33 -7.01 6.07
N LEU A 56 -4.93 -6.59 7.27
CA LEU A 56 -4.62 -7.53 8.34
C LEU A 56 -5.85 -8.36 8.70
N GLU A 57 -5.61 -9.53 9.29
CA GLU A 57 -6.70 -10.42 9.69
C GLU A 57 -6.33 -11.20 10.94
N LEU A 58 -6.53 -10.59 12.10
CA LEU A 58 -6.21 -11.23 13.38
C LEU A 58 -4.73 -11.57 13.46
N GLU A 59 -3.90 -10.75 12.80
CA GLU A 59 -2.46 -10.96 12.81
C GLU A 59 -1.76 -9.91 13.65
N HIS A 60 -2.32 -8.70 13.67
CA HIS A 60 -1.74 -7.60 14.43
C HIS A 60 -1.67 -7.95 15.91
N MET A 1 -5.29 3.97 12.32
CA MET A 1 -6.56 3.21 12.47
C MET A 1 -6.65 2.09 11.44
N ARG A 2 -6.72 2.45 10.17
CA ARG A 2 -6.81 1.48 9.09
C ARG A 2 -5.47 1.29 8.41
N GLN A 3 -4.87 0.11 8.59
CA GLN A 3 -3.57 -0.18 7.99
C GLN A 3 -3.54 -1.59 7.42
N CYS A 4 -2.72 -1.79 6.39
CA CYS A 4 -2.59 -3.08 5.75
C CYS A 4 -1.17 -3.30 5.27
N LYS A 5 -0.72 -4.56 5.29
CA LYS A 5 0.64 -4.89 4.86
C LYS A 5 0.63 -5.85 3.69
N VAL A 6 1.33 -5.48 2.63
CA VAL A 6 1.43 -6.30 1.42
C VAL A 6 2.10 -7.64 1.72
N LEU A 7 1.62 -8.69 1.05
CA LEU A 7 2.18 -10.02 1.25
C LEU A 7 3.28 -10.32 0.22
N PHE A 8 3.24 -9.61 -0.90
CA PHE A 8 4.23 -9.80 -1.97
C PHE A 8 5.08 -8.55 -2.15
N GLU A 9 6.03 -8.63 -3.08
CA GLU A 9 6.91 -7.50 -3.36
C GLU A 9 6.44 -6.73 -4.59
N TYR A 10 7.04 -5.58 -4.84
CA TYR A 10 6.68 -4.76 -5.99
C TYR A 10 7.85 -3.87 -6.42
N ILE A 11 7.98 -3.67 -7.73
CA ILE A 11 9.04 -2.83 -8.27
C ILE A 11 8.49 -1.58 -8.92
N PRO A 12 8.67 -0.40 -8.29
CA PRO A 12 8.17 0.87 -8.82
C PRO A 12 8.87 1.28 -10.11
N GLN A 13 8.17 2.02 -10.96
CA GLN A 13 8.73 2.46 -12.23
C GLN A 13 8.37 3.93 -12.49
N ASN A 14 8.18 4.69 -11.41
CA ASN A 14 7.84 6.11 -11.53
C ASN A 14 8.13 6.84 -10.22
N GLU A 15 8.18 8.17 -10.30
CA GLU A 15 8.45 8.99 -9.12
C GLU A 15 7.30 8.89 -8.12
N ASP A 16 6.09 8.69 -8.63
CA ASP A 16 4.91 8.57 -7.77
C ASP A 16 4.56 7.11 -7.50
N GLU A 17 5.58 6.27 -7.47
CA GLU A 17 5.39 4.84 -7.22
C GLU A 17 6.21 4.37 -6.03
N LEU A 18 5.55 3.72 -5.08
CA LEU A 18 6.22 3.22 -3.89
C LEU A 18 6.56 1.74 -4.04
N GLU A 19 7.53 1.27 -3.25
CA GLU A 19 7.94 -0.12 -3.30
C GLU A 19 7.28 -0.94 -2.19
N LEU A 20 6.32 -1.77 -2.56
CA LEU A 20 5.60 -2.60 -1.61
C LEU A 20 6.48 -3.75 -1.13
N LYS A 21 6.99 -3.65 0.09
CA LYS A 21 7.85 -4.67 0.66
C LYS A 21 7.02 -5.67 1.47
N VAL A 22 7.22 -6.96 1.21
CA VAL A 22 6.50 -8.01 1.91
C VAL A 22 6.64 -7.86 3.43
N GLY A 23 5.52 -7.86 4.13
CA GLY A 23 5.55 -7.72 5.58
C GLY A 23 5.49 -6.27 6.03
N ASP A 24 5.55 -5.35 5.06
CA ASP A 24 5.50 -3.92 5.38
C ASP A 24 4.07 -3.40 5.39
N ILE A 25 3.72 -2.65 6.41
CA ILE A 25 2.38 -2.09 6.55
C ILE A 25 2.33 -0.67 6.01
N ILE A 26 1.24 -0.33 5.33
CA ILE A 26 1.06 0.99 4.76
C ILE A 26 -0.31 1.57 5.12
N ASP A 27 -0.34 2.86 5.43
CA ASP A 27 -1.59 3.52 5.79
C ASP A 27 -2.21 4.21 4.57
N ILE A 28 -3.41 3.80 4.20
CA ILE A 28 -4.11 4.37 3.05
C ILE A 28 -4.79 5.69 3.43
N ASN A 29 -4.64 6.68 2.56
CA ASN A 29 -5.25 7.99 2.79
C ASN A 29 -6.61 8.09 2.11
N GLU A 30 -6.67 7.67 0.86
CA GLU A 30 -7.91 7.71 0.09
C GLU A 30 -7.80 6.90 -1.19
N GLU A 31 -8.93 6.57 -1.79
CA GLU A 31 -8.96 5.80 -3.03
C GLU A 31 -8.67 6.68 -4.22
N VAL A 32 -7.49 6.51 -4.82
CA VAL A 32 -7.09 7.30 -5.98
C VAL A 32 -8.02 7.05 -7.16
N GLU A 33 -8.29 5.79 -7.44
CA GLU A 33 -9.15 5.42 -8.56
C GLU A 33 -9.88 4.11 -8.28
N GLU A 34 -10.64 3.62 -9.27
CA GLU A 34 -11.38 2.38 -9.13
C GLU A 34 -10.52 1.19 -9.52
N GLY A 35 -9.34 1.09 -8.91
CA GLY A 35 -8.44 -0.01 -9.21
C GLY A 35 -7.12 0.14 -8.46
N TRP A 36 -6.66 1.37 -8.32
CA TRP A 36 -5.41 1.65 -7.63
C TRP A 36 -5.70 2.27 -6.26
N TRP A 37 -4.80 2.03 -5.31
CA TRP A 37 -4.97 2.57 -3.96
C TRP A 37 -3.76 3.41 -3.55
N SER A 38 -3.95 4.24 -2.53
CA SER A 38 -2.89 5.11 -2.05
C SER A 38 -2.39 4.66 -0.67
N GLY A 39 -1.17 5.05 -0.33
CA GLY A 39 -0.61 4.66 0.95
C GLY A 39 0.37 5.69 1.49
N THR A 40 0.65 5.61 2.78
CA THR A 40 1.57 6.54 3.42
C THR A 40 2.49 5.80 4.40
N LEU A 41 3.80 6.06 4.29
CA LEU A 41 4.77 5.42 5.16
C LEU A 41 5.85 6.40 5.59
N ASN A 42 5.67 7.00 6.77
CA ASN A 42 6.62 7.97 7.30
C ASN A 42 6.74 9.19 6.41
N ASN A 43 5.65 9.95 6.32
CA ASN A 43 5.62 11.16 5.51
C ASN A 43 5.97 10.87 4.06
N LYS A 44 5.62 9.67 3.60
CA LYS A 44 5.90 9.27 2.22
C LYS A 44 4.60 9.07 1.44
N LEU A 45 4.55 9.64 0.24
CA LEU A 45 3.36 9.53 -0.60
C LEU A 45 3.69 8.80 -1.90
N GLY A 46 2.83 7.85 -2.26
CA GLY A 46 3.04 7.10 -3.49
C GLY A 46 1.79 6.36 -3.92
N LEU A 47 1.80 5.85 -5.14
CA LEU A 47 0.65 5.12 -5.68
C LEU A 47 1.07 3.73 -6.18
N PHE A 48 0.17 2.77 -6.07
CA PHE A 48 0.44 1.42 -6.53
C PHE A 48 -0.84 0.60 -6.61
N PRO A 49 -0.80 -0.57 -7.27
CA PRO A 49 -1.97 -1.44 -7.43
C PRO A 49 -2.49 -1.94 -6.08
N SER A 50 -3.76 -1.67 -5.81
CA SER A 50 -4.39 -2.09 -4.57
C SER A 50 -4.49 -3.61 -4.47
N ASN A 51 -4.39 -4.28 -5.62
CA ASN A 51 -4.47 -5.73 -5.67
C ASN A 51 -3.33 -6.39 -4.88
N PHE A 52 -2.26 -5.63 -4.66
CA PHE A 52 -1.11 -6.15 -3.93
C PHE A 52 -1.37 -6.15 -2.42
N VAL A 53 -1.14 -5.00 -1.78
CA VAL A 53 -1.34 -4.82 -0.33
C VAL A 53 -2.21 -5.90 0.30
N LYS A 54 -1.90 -6.26 1.54
CA LYS A 54 -2.66 -7.27 2.26
C LYS A 54 -3.22 -6.73 3.57
N GLU A 55 -4.50 -6.96 3.81
CA GLU A 55 -5.15 -6.50 5.03
C GLU A 55 -5.00 -7.52 6.14
N LEU A 56 -4.67 -7.05 7.34
CA LEU A 56 -4.49 -7.94 8.49
C LEU A 56 -5.80 -8.67 8.82
N GLU A 57 -5.75 -9.51 9.84
CA GLU A 57 -6.92 -10.28 10.25
C GLU A 57 -7.79 -9.47 11.23
N LEU A 58 -9.10 -9.62 11.09
CA LEU A 58 -10.03 -8.90 11.94
C LEU A 58 -10.76 -9.86 12.88
N GLU A 59 -11.33 -9.33 13.96
CA GLU A 59 -12.05 -10.14 14.93
C GLU A 59 -13.55 -10.13 14.64
N HIS A 60 -13.91 -10.53 13.43
CA HIS A 60 -15.31 -10.57 13.02
C HIS A 60 -15.93 -9.17 13.08
#